data_2EOW
#
_entry.id   2EOW
#
loop_
_entity.id
_entity.type
_entity.pdbx_description
1 polymer 'Zinc finger protein 347'
2 non-polymer 'ZINC ION'
#
_entity_poly.entity_id   1
_entity_poly.type   'polypeptide(L)'
_entity_poly.pdbx_seq_one_letter_code
;GSSGSSGTGEKPYKCNECGKAFRARSSLAIHQATHSGEKPSGPSSG
;
_entity_poly.pdbx_strand_id   A
#
loop_
_chem_comp.id
_chem_comp.type
_chem_comp.name
_chem_comp.formula
ZN non-polymer 'ZINC ION' 'Zn 2'
#
# COMPACT_ATOMS: atom_id res chain seq x y z
N GLY A 1 7.52 -16.38 12.28
CA GLY A 1 7.21 -15.07 11.75
C GLY A 1 7.73 -13.95 12.63
N SER A 2 7.04 -12.82 12.63
CA SER A 2 7.45 -11.66 13.42
C SER A 2 6.25 -10.77 13.75
N SER A 3 6.38 -10.00 14.81
CA SER A 3 5.30 -9.10 15.23
C SER A 3 5.35 -7.79 14.45
N GLY A 4 6.55 -7.43 13.99
CA GLY A 4 6.71 -6.19 13.24
C GLY A 4 6.09 -5.00 13.94
N SER A 5 6.39 -4.84 15.22
CA SER A 5 5.83 -3.73 16.00
C SER A 5 6.94 -3.02 16.78
N SER A 6 7.22 -1.78 16.40
CA SER A 6 8.24 -1.00 17.07
C SER A 6 7.69 0.34 17.55
N GLY A 7 7.27 0.37 18.82
CA GLY A 7 6.72 1.60 19.38
C GLY A 7 5.56 2.14 18.57
N THR A 8 5.64 3.41 18.20
CA THR A 8 4.59 4.05 17.41
C THR A 8 4.60 3.55 15.97
N GLY A 9 3.45 3.69 15.30
CA GLY A 9 3.35 3.25 13.91
C GLY A 9 1.98 3.52 13.33
N GLU A 10 1.76 4.76 12.88
CA GLU A 10 0.50 5.14 12.29
C GLU A 10 0.49 4.89 10.79
N LYS A 11 -0.59 4.27 10.30
CA LYS A 11 -0.72 3.96 8.89
C LYS A 11 -1.75 4.88 8.22
N PRO A 12 -1.32 6.09 7.88
CA PRO A 12 -2.19 7.09 7.24
C PRO A 12 -2.54 6.70 5.80
N TYR A 13 -1.57 6.14 5.09
CA TYR A 13 -1.78 5.73 3.71
C TYR A 13 -1.76 4.21 3.59
N LYS A 14 -2.72 3.67 2.83
CA LYS A 14 -2.83 2.24 2.63
C LYS A 14 -2.93 1.90 1.14
N CYS A 15 -2.06 0.99 0.68
CA CYS A 15 -2.05 0.59 -0.71
C CYS A 15 -3.19 -0.39 -1.00
N ASN A 16 -4.17 0.07 -1.78
CA ASN A 16 -5.31 -0.77 -2.13
C ASN A 16 -4.97 -1.71 -3.29
N GLU A 17 -3.77 -2.28 -3.24
CA GLU A 17 -3.31 -3.19 -4.29
C GLU A 17 -2.71 -4.45 -3.68
N CYS A 18 -2.03 -4.29 -2.55
CA CYS A 18 -1.41 -5.42 -1.87
C CYS A 18 -1.70 -5.38 -0.38
N GLY A 19 -1.46 -4.21 0.23
CA GLY A 19 -1.71 -4.07 1.66
C GLY A 19 -0.56 -3.38 2.37
N LYS A 20 0.13 -2.49 1.66
CA LYS A 20 1.25 -1.76 2.24
C LYS A 20 0.78 -0.49 2.94
N ALA A 21 1.59 0.00 3.87
CA ALA A 21 1.25 1.21 4.61
C ALA A 21 2.45 2.16 4.69
N PHE A 22 2.27 3.37 4.16
CA PHE A 22 3.34 4.36 4.17
C PHE A 22 2.99 5.52 5.10
N ARG A 23 3.97 6.39 5.34
CA ARG A 23 3.77 7.53 6.22
C ARG A 23 3.20 8.71 5.44
N ALA A 24 3.64 8.88 4.20
CA ALA A 24 3.17 9.97 3.35
C ALA A 24 2.78 9.45 1.98
N ARG A 25 2.24 10.34 1.14
CA ARG A 25 1.83 9.99 -0.21
C ARG A 25 3.03 9.61 -1.07
N SER A 26 3.95 10.55 -1.23
CA SER A 26 5.15 10.32 -2.03
C SER A 26 5.68 8.91 -1.82
N SER A 27 5.73 8.49 -0.57
CA SER A 27 6.22 7.15 -0.23
C SER A 27 5.32 6.08 -0.84
N LEU A 28 4.01 6.33 -0.82
CA LEU A 28 3.06 5.38 -1.36
C LEU A 28 3.13 5.35 -2.89
N ALA A 29 3.21 6.52 -3.50
CA ALA A 29 3.29 6.62 -4.95
C ALA A 29 4.47 5.83 -5.49
N ILE A 30 5.67 6.20 -5.06
CA ILE A 30 6.88 5.51 -5.51
C ILE A 30 6.67 4.01 -5.58
N HIS A 31 5.92 3.46 -4.62
CA HIS A 31 5.63 2.04 -4.58
C HIS A 31 4.64 1.65 -5.67
N GLN A 32 3.53 2.38 -5.73
CA GLN A 32 2.50 2.11 -6.74
C GLN A 32 3.10 2.00 -8.12
N ALA A 33 4.31 2.54 -8.29
CA ALA A 33 5.00 2.49 -9.57
C ALA A 33 5.67 1.14 -9.79
N THR A 34 5.30 0.16 -8.98
CA THR A 34 5.86 -1.18 -9.08
C THR A 34 4.81 -2.19 -9.50
N HIS A 35 3.56 -1.93 -9.14
CA HIS A 35 2.45 -2.81 -9.47
C HIS A 35 2.27 -2.90 -10.98
N SER A 36 2.21 -1.75 -11.64
CA SER A 36 2.03 -1.70 -13.09
C SER A 36 2.74 -2.87 -13.75
N GLY A 37 2.02 -3.56 -14.63
CA GLY A 37 2.59 -4.70 -15.33
C GLY A 37 1.61 -5.32 -16.31
N GLU A 38 1.96 -5.29 -17.59
CA GLU A 38 1.12 -5.85 -18.63
C GLU A 38 1.92 -6.16 -19.89
N LYS A 39 1.34 -6.96 -20.78
CA LYS A 39 2.00 -7.33 -22.02
C LYS A 39 3.45 -7.76 -21.76
N PRO A 40 3.63 -8.70 -20.84
CA PRO A 40 4.95 -9.22 -20.47
C PRO A 40 5.57 -10.05 -21.60
N SER A 41 6.80 -9.71 -21.97
CA SER A 41 7.51 -10.41 -23.02
C SER A 41 8.37 -11.53 -22.45
N GLY A 42 7.75 -12.66 -22.14
CA GLY A 42 8.48 -13.79 -21.59
C GLY A 42 7.75 -14.43 -20.42
N PRO A 43 6.66 -15.15 -20.73
CA PRO A 43 5.85 -15.83 -19.72
C PRO A 43 6.57 -17.03 -19.10
N SER A 44 7.81 -17.23 -19.51
CA SER A 44 8.61 -18.34 -19.01
C SER A 44 8.36 -18.56 -17.53
N SER A 45 8.06 -17.47 -16.81
CA SER A 45 7.79 -17.54 -15.38
C SER A 45 6.28 -17.48 -15.11
N GLY A 46 5.67 -18.65 -14.97
CA GLY A 46 4.24 -18.70 -14.71
C GLY A 46 3.43 -18.96 -15.96
ZN ZN B . 0.99 -2.18 -3.16
N GLY A 1 -12.05 1.03 8.25
CA GLY A 1 -13.07 0.02 8.48
C GLY A 1 -13.59 0.05 9.90
N SER A 2 -14.36 -0.98 10.28
CA SER A 2 -14.92 -1.06 11.62
C SER A 2 -14.26 -2.18 12.42
N SER A 3 -12.95 -2.28 12.31
CA SER A 3 -12.19 -3.31 13.01
C SER A 3 -10.69 -3.07 12.89
N GLY A 4 -9.99 -3.17 14.02
CA GLY A 4 -8.55 -2.96 14.02
C GLY A 4 -8.18 -1.49 13.98
N SER A 5 -8.31 -0.82 15.12
CA SER A 5 -7.99 0.60 15.21
C SER A 5 -7.13 0.88 16.44
N SER A 6 -7.51 0.30 17.57
CA SER A 6 -6.77 0.50 18.82
C SER A 6 -5.27 0.59 18.55
N GLY A 7 -4.60 1.46 19.30
CA GLY A 7 -3.17 1.62 19.13
C GLY A 7 -2.79 3.02 18.70
N THR A 8 -1.49 3.27 18.58
CA THR A 8 -1.00 4.59 18.17
C THR A 8 -1.55 4.98 16.81
N GLY A 9 -1.80 3.98 15.96
CA GLY A 9 -2.33 4.25 14.64
C GLY A 9 -1.54 5.31 13.90
N GLU A 10 -0.53 4.87 13.13
CA GLU A 10 0.30 5.79 12.37
C GLU A 10 0.40 5.37 10.92
N LYS A 11 -0.74 4.97 10.36
CA LYS A 11 -0.79 4.53 8.96
C LYS A 11 -1.80 5.36 8.18
N PRO A 12 -1.40 6.58 7.81
CA PRO A 12 -2.26 7.50 7.05
C PRO A 12 -2.46 7.04 5.61
N TYR A 13 -1.46 6.36 5.06
CA TYR A 13 -1.52 5.87 3.69
C TYR A 13 -1.41 4.35 3.66
N LYS A 14 -2.19 3.72 2.79
CA LYS A 14 -2.18 2.27 2.65
C LYS A 14 -2.66 1.84 1.27
N CYS A 15 -1.99 0.87 0.68
CA CYS A 15 -2.36 0.37 -0.64
C CYS A 15 -3.47 -0.67 -0.54
N ASN A 16 -4.30 -0.72 -1.57
CA ASN A 16 -5.42 -1.67 -1.61
C ASN A 16 -5.11 -2.83 -2.54
N GLU A 17 -4.00 -2.74 -3.26
CA GLU A 17 -3.60 -3.78 -4.19
C GLU A 17 -2.80 -4.87 -3.48
N CYS A 18 -1.86 -4.45 -2.63
CA CYS A 18 -1.03 -5.38 -1.89
C CYS A 18 -1.27 -5.26 -0.39
N GLY A 19 -1.31 -4.02 0.09
CA GLY A 19 -1.53 -3.78 1.51
C GLY A 19 -0.32 -3.16 2.19
N LYS A 20 0.44 -2.38 1.43
CA LYS A 20 1.63 -1.73 1.97
C LYS A 20 1.28 -0.37 2.59
N ALA A 21 1.42 -0.27 3.90
CA ALA A 21 1.11 0.97 4.61
C ALA A 21 2.35 1.86 4.71
N PHE A 22 2.20 3.11 4.27
CA PHE A 22 3.31 4.06 4.29
C PHE A 22 3.04 5.16 5.31
N ARG A 23 3.96 6.11 5.41
CA ARG A 23 3.83 7.23 6.34
C ARG A 23 3.31 8.47 5.62
N ALA A 24 3.58 8.56 4.33
CA ALA A 24 3.14 9.71 3.54
C ALA A 24 2.79 9.29 2.11
N ARG A 25 2.21 10.20 1.35
CA ARG A 25 1.83 9.92 -0.04
C ARG A 25 3.06 9.62 -0.89
N SER A 26 3.99 10.56 -0.92
CA SER A 26 5.22 10.40 -1.70
C SER A 26 5.75 8.98 -1.58
N SER A 27 5.76 8.46 -0.36
CA SER A 27 6.24 7.11 -0.09
C SER A 27 5.38 6.06 -0.80
N LEU A 28 4.09 6.34 -0.87
CA LEU A 28 3.15 5.43 -1.52
C LEU A 28 3.29 5.48 -3.03
N ALA A 29 3.49 6.68 -3.57
CA ALA A 29 3.65 6.87 -5.00
C ALA A 29 4.75 5.98 -5.54
N ILE A 30 5.97 6.16 -5.05
CA ILE A 30 7.11 5.37 -5.48
C ILE A 30 6.74 3.90 -5.61
N HIS A 31 5.89 3.42 -4.71
CA HIS A 31 5.46 2.03 -4.72
C HIS A 31 4.51 1.77 -5.89
N GLN A 32 3.60 2.71 -6.12
CA GLN A 32 2.64 2.58 -7.21
C GLN A 32 3.34 2.31 -8.53
N ALA A 33 4.64 2.56 -8.57
CA ALA A 33 5.43 2.35 -9.78
C ALA A 33 5.82 0.88 -9.93
N THR A 34 5.14 0.02 -9.17
CA THR A 34 5.42 -1.41 -9.21
C THR A 34 4.19 -2.19 -9.66
N HIS A 35 3.01 -1.63 -9.40
CA HIS A 35 1.76 -2.27 -9.78
C HIS A 35 1.46 -2.06 -11.26
N SER A 36 1.68 -3.10 -12.06
CA SER A 36 1.43 -3.02 -13.50
C SER A 36 0.14 -3.72 -13.86
N GLY A 37 -0.33 -3.48 -15.09
CA GLY A 37 -1.56 -4.10 -15.55
C GLY A 37 -1.51 -5.61 -15.47
N GLU A 38 -2.58 -6.26 -15.95
CA GLU A 38 -2.66 -7.71 -15.94
C GLU A 38 -2.55 -8.24 -14.51
N LYS A 39 -3.23 -7.59 -13.59
CA LYS A 39 -3.22 -8.00 -12.18
C LYS A 39 -4.58 -8.53 -11.75
N PRO A 40 -4.85 -9.81 -12.09
CA PRO A 40 -6.11 -10.46 -11.74
C PRO A 40 -6.24 -10.71 -10.25
N SER A 41 -7.30 -11.42 -9.86
CA SER A 41 -7.54 -11.74 -8.45
C SER A 41 -6.23 -11.98 -7.71
N GLY A 42 -5.51 -13.03 -8.10
CA GLY A 42 -4.26 -13.34 -7.47
C GLY A 42 -3.90 -14.81 -7.57
N PRO A 43 -3.32 -15.21 -8.72
CA PRO A 43 -2.92 -16.59 -8.96
C PRO A 43 -1.74 -17.03 -8.10
N SER A 44 -1.65 -18.33 -7.84
CA SER A 44 -0.58 -18.87 -7.01
C SER A 44 0.78 -18.41 -7.53
N SER A 45 1.00 -18.56 -8.83
CA SER A 45 2.26 -18.16 -9.45
C SER A 45 2.15 -16.76 -10.06
N GLY A 46 3.18 -15.95 -9.83
CA GLY A 46 3.19 -14.60 -10.36
C GLY A 46 4.60 -14.04 -10.51
ZN ZN B . 0.39 -1.98 -3.63
N GLY A 1 -13.54 -6.96 33.51
CA GLY A 1 -13.82 -6.96 32.08
C GLY A 1 -12.76 -7.69 31.27
N SER A 2 -12.22 -7.03 30.27
CA SER A 2 -11.20 -7.63 29.42
C SER A 2 -10.11 -6.61 29.08
N SER A 3 -8.89 -7.11 28.89
CA SER A 3 -7.76 -6.25 28.56
C SER A 3 -7.20 -6.58 27.18
N GLY A 4 -6.61 -5.58 26.53
CA GLY A 4 -6.04 -5.79 25.20
C GLY A 4 -5.58 -4.51 24.57
N SER A 5 -4.31 -4.47 24.17
CA SER A 5 -3.73 -3.28 23.54
C SER A 5 -2.45 -3.64 22.79
N SER A 6 -2.52 -3.59 21.47
CA SER A 6 -1.37 -3.91 20.62
C SER A 6 -0.89 -2.66 19.87
N GLY A 7 -0.25 -1.75 20.60
CA GLY A 7 0.25 -0.54 19.99
C GLY A 7 -0.65 -0.04 18.86
N THR A 8 -1.63 0.79 19.22
CA THR A 8 -2.55 1.34 18.24
C THR A 8 -1.94 2.51 17.49
N GLY A 9 -1.17 2.20 16.44
CA GLY A 9 -0.54 3.23 15.65
C GLY A 9 -1.12 3.35 14.26
N GLU A 10 -2.25 4.03 14.14
CA GLU A 10 -2.91 4.20 12.85
C GLU A 10 -1.91 4.63 11.79
N LYS A 11 -2.13 4.16 10.56
CA LYS A 11 -1.25 4.50 9.45
C LYS A 11 -1.84 5.62 8.60
N PRO A 12 -0.96 6.49 8.09
CA PRO A 12 -1.38 7.62 7.25
C PRO A 12 -1.90 7.18 5.88
N TYR A 13 -1.12 6.32 5.22
CA TYR A 13 -1.49 5.81 3.90
C TYR A 13 -1.39 4.29 3.85
N LYS A 14 -1.79 3.72 2.72
CA LYS A 14 -1.74 2.28 2.53
C LYS A 14 -2.09 1.90 1.10
N CYS A 15 -1.30 0.99 0.53
CA CYS A 15 -1.53 0.55 -0.85
C CYS A 15 -2.76 -0.36 -0.92
N ASN A 16 -3.80 0.14 -1.60
CA ASN A 16 -5.04 -0.62 -1.75
C ASN A 16 -4.93 -1.63 -2.90
N GLU A 17 -3.77 -2.28 -3.00
CA GLU A 17 -3.53 -3.26 -4.05
C GLU A 17 -2.95 -4.54 -3.47
N CYS A 18 -2.03 -4.39 -2.53
CA CYS A 18 -1.38 -5.54 -1.89
C CYS A 18 -1.53 -5.47 -0.38
N GLY A 19 -1.21 -4.31 0.19
CA GLY A 19 -1.31 -4.14 1.63
C GLY A 19 -0.05 -3.52 2.22
N LYS A 20 0.49 -2.52 1.54
CA LYS A 20 1.69 -1.85 2.01
C LYS A 20 1.34 -0.59 2.81
N ALA A 21 2.25 -0.18 3.68
CA ALA A 21 2.04 1.01 4.51
C ALA A 21 3.21 1.97 4.39
N PHE A 22 2.90 3.25 4.15
CA PHE A 22 3.92 4.27 4.02
C PHE A 22 3.72 5.38 5.04
N ARG A 23 4.64 6.35 5.05
CA ARG A 23 4.56 7.46 5.97
C ARG A 23 4.61 8.79 5.23
N ALA A 24 4.37 8.75 3.92
CA ALA A 24 4.40 9.95 3.10
C ALA A 24 3.58 9.75 1.82
N ARG A 25 2.64 10.66 1.59
CA ARG A 25 1.80 10.59 0.40
C ARG A 25 2.59 10.11 -0.81
N SER A 26 3.66 10.83 -1.13
CA SER A 26 4.50 10.49 -2.27
C SER A 26 5.02 9.06 -2.14
N SER A 27 5.42 8.68 -0.94
CA SER A 27 5.94 7.34 -0.69
C SER A 27 5.00 6.28 -1.27
N LEU A 28 3.72 6.39 -0.94
CA LEU A 28 2.73 5.44 -1.43
C LEU A 28 2.80 5.31 -2.94
N ALA A 29 2.97 6.43 -3.63
CA ALA A 29 3.06 6.43 -5.08
C ALA A 29 4.29 5.67 -5.55
N ILE A 30 5.44 6.01 -5.01
CA ILE A 30 6.69 5.35 -5.38
C ILE A 30 6.49 3.85 -5.53
N HIS A 31 5.67 3.28 -4.65
CA HIS A 31 5.39 1.84 -4.69
C HIS A 31 4.42 1.51 -5.81
N GLN A 32 3.33 2.27 -5.91
CA GLN A 32 2.32 2.05 -6.93
C GLN A 32 2.96 1.91 -8.30
N ALA A 33 4.20 2.41 -8.43
CA ALA A 33 4.92 2.34 -9.69
C ALA A 33 5.52 0.96 -9.91
N THR A 34 5.11 0.01 -9.07
CA THR A 34 5.60 -1.37 -9.16
C THR A 34 4.51 -2.31 -9.63
N HIS A 35 3.26 -1.93 -9.39
CA HIS A 35 2.12 -2.75 -9.78
C HIS A 35 1.81 -2.58 -11.27
N SER A 36 2.86 -2.61 -12.08
CA SER A 36 2.71 -2.46 -13.53
C SER A 36 3.52 -3.51 -14.28
N GLY A 37 3.46 -4.75 -13.80
CA GLY A 37 4.20 -5.82 -14.43
C GLY A 37 3.39 -6.54 -15.50
N GLU A 38 2.49 -7.41 -15.07
CA GLU A 38 1.65 -8.16 -16.00
C GLU A 38 0.28 -7.52 -16.13
N LYS A 39 0.25 -6.20 -16.22
CA LYS A 39 -1.00 -5.45 -16.36
C LYS A 39 -0.99 -4.57 -17.59
N PRO A 40 -1.15 -5.19 -18.77
CA PRO A 40 -1.17 -4.47 -20.05
C PRO A 40 -2.41 -3.60 -20.21
N SER A 41 -2.32 -2.36 -19.74
CA SER A 41 -3.44 -1.44 -19.84
C SER A 41 -2.97 -0.04 -20.25
N GLY A 42 -3.43 0.42 -21.40
CA GLY A 42 -3.04 1.73 -21.89
C GLY A 42 -2.60 1.71 -23.34
N PRO A 43 -3.58 1.76 -24.25
CA PRO A 43 -3.31 1.75 -25.70
C PRO A 43 -2.64 3.03 -26.18
N SER A 44 -2.24 3.04 -27.45
CA SER A 44 -1.58 4.21 -28.03
C SER A 44 -2.51 5.42 -28.02
N SER A 45 -1.93 6.61 -28.06
CA SER A 45 -2.70 7.84 -28.06
C SER A 45 -2.10 8.87 -29.02
N GLY A 46 -2.91 9.85 -29.41
CA GLY A 46 -2.43 10.87 -30.33
C GLY A 46 -3.57 11.67 -30.94
ZN ZN B . 1.11 -2.41 -3.34
N GLY A 1 -14.40 17.23 27.83
CA GLY A 1 -14.51 16.80 29.21
C GLY A 1 -13.36 15.90 29.63
N SER A 2 -13.37 15.49 30.89
CA SER A 2 -12.31 14.63 31.42
C SER A 2 -12.77 13.17 31.44
N SER A 3 -12.67 12.51 30.29
CA SER A 3 -13.07 11.11 30.17
C SER A 3 -12.71 10.55 28.81
N GLY A 4 -12.18 9.33 28.79
CA GLY A 4 -11.80 8.70 27.55
C GLY A 4 -10.30 8.52 27.42
N SER A 5 -9.86 7.30 27.13
CA SER A 5 -8.45 6.99 26.99
C SER A 5 -7.97 7.26 25.56
N SER A 6 -7.26 8.35 25.38
CA SER A 6 -6.74 8.72 24.07
C SER A 6 -6.20 7.50 23.34
N GLY A 7 -6.06 7.61 22.01
CA GLY A 7 -5.55 6.51 21.23
C GLY A 7 -5.76 6.73 19.73
N THR A 8 -4.65 6.77 18.99
CA THR A 8 -4.71 6.98 17.55
C THR A 8 -3.75 6.05 16.82
N GLY A 9 -3.85 6.02 15.50
CA GLY A 9 -2.98 5.17 14.70
C GLY A 9 -1.97 5.97 13.90
N GLU A 10 -1.15 5.28 13.11
CA GLU A 10 -0.14 5.93 12.29
C GLU A 10 -0.15 5.36 10.87
N LYS A 11 -1.33 5.30 10.28
CA LYS A 11 -1.48 4.78 8.92
C LYS A 11 -2.17 5.81 8.03
N PRO A 12 -1.41 6.80 7.55
CA PRO A 12 -1.93 7.85 6.67
C PRO A 12 -2.30 7.33 5.29
N TYR A 13 -1.42 6.50 4.71
CA TYR A 13 -1.66 5.95 3.40
C TYR A 13 -1.31 4.45 3.38
N LYS A 14 -1.65 3.79 2.28
CA LYS A 14 -1.38 2.37 2.12
C LYS A 14 -1.71 1.90 0.70
N CYS A 15 -1.12 0.77 0.31
CA CYS A 15 -1.36 0.22 -1.02
C CYS A 15 -2.58 -0.69 -1.02
N ASN A 16 -3.61 -0.28 -1.75
CA ASN A 16 -4.84 -1.05 -1.84
C ASN A 16 -4.73 -2.15 -2.90
N GLU A 17 -3.53 -2.72 -3.03
CA GLU A 17 -3.29 -3.78 -4.00
C GLU A 17 -2.62 -4.98 -3.34
N CYS A 18 -1.68 -4.71 -2.45
CA CYS A 18 -0.97 -5.77 -1.75
C CYS A 18 -1.21 -5.70 -0.24
N GLY A 19 -1.09 -4.49 0.31
CA GLY A 19 -1.31 -4.31 1.73
C GLY A 19 -0.11 -3.67 2.42
N LYS A 20 0.47 -2.66 1.77
CA LYS A 20 1.63 -1.96 2.32
C LYS A 20 1.25 -0.57 2.80
N ALA A 21 1.28 -0.37 4.11
CA ALA A 21 0.94 0.92 4.71
C ALA A 21 2.18 1.81 4.83
N PHE A 22 2.08 3.01 4.29
CA PHE A 22 3.19 3.96 4.34
C PHE A 22 2.91 5.08 5.33
N ARG A 23 3.89 5.96 5.51
CA ARG A 23 3.75 7.08 6.44
C ARG A 23 3.58 8.39 5.68
N ALA A 24 4.05 8.42 4.44
CA ALA A 24 3.96 9.62 3.62
C ALA A 24 3.32 9.29 2.26
N ARG A 25 2.60 10.26 1.70
CA ARG A 25 1.95 10.08 0.42
C ARG A 25 2.96 9.68 -0.65
N SER A 26 4.02 10.46 -0.78
CA SER A 26 5.06 10.18 -1.77
C SER A 26 5.52 8.73 -1.68
N SER A 27 5.69 8.25 -0.45
CA SER A 27 6.14 6.87 -0.23
C SER A 27 5.19 5.88 -0.91
N LEU A 28 3.90 6.17 -0.85
CA LEU A 28 2.89 5.30 -1.45
C LEU A 28 3.03 5.30 -2.98
N ALA A 29 3.21 6.49 -3.56
CA ALA A 29 3.35 6.61 -5.00
C ALA A 29 4.49 5.75 -5.53
N ILE A 30 5.70 6.03 -5.06
CA ILE A 30 6.87 5.27 -5.48
C ILE A 30 6.56 3.77 -5.56
N HIS A 31 5.76 3.29 -4.62
CA HIS A 31 5.38 1.88 -4.59
C HIS A 31 4.45 1.54 -5.75
N GLN A 32 3.36 2.31 -5.87
CA GLN A 32 2.39 2.09 -6.94
C GLN A 32 3.07 2.07 -8.30
N ALA A 33 4.23 2.73 -8.39
CA ALA A 33 4.98 2.78 -9.64
C ALA A 33 5.18 1.39 -10.22
N THR A 34 5.03 0.38 -9.38
CA THR A 34 5.20 -1.01 -9.81
C THR A 34 3.85 -1.70 -9.95
N HIS A 35 2.84 -1.17 -9.27
CA HIS A 35 1.50 -1.74 -9.33
C HIS A 35 0.74 -1.24 -10.55
N SER A 36 1.45 -1.10 -11.67
CA SER A 36 0.85 -0.63 -12.91
C SER A 36 1.24 -1.50 -14.08
N GLY A 37 0.40 -2.48 -14.41
CA GLY A 37 0.69 -3.38 -15.51
C GLY A 37 -0.54 -3.65 -16.36
N GLU A 38 -1.64 -4.02 -15.72
CA GLU A 38 -2.88 -4.31 -16.42
C GLU A 38 -3.66 -3.03 -16.71
N LYS A 39 -4.03 -2.84 -17.96
CA LYS A 39 -4.79 -1.67 -18.37
C LYS A 39 -4.06 -0.38 -17.96
N PRO A 40 -2.80 -0.25 -18.38
CA PRO A 40 -1.97 0.91 -18.07
C PRO A 40 -2.45 2.17 -18.78
N SER A 41 -3.09 3.07 -18.04
CA SER A 41 -3.59 4.31 -18.61
C SER A 41 -2.50 5.04 -19.39
N GLY A 42 -1.36 5.25 -18.74
CA GLY A 42 -0.25 5.93 -19.38
C GLY A 42 0.94 6.11 -18.45
N PRO A 43 1.62 4.99 -18.14
CA PRO A 43 2.79 4.99 -17.26
C PRO A 43 3.99 5.67 -17.90
N SER A 44 3.80 6.18 -19.11
CA SER A 44 4.88 6.85 -19.84
C SER A 44 4.61 8.35 -19.95
N SER A 45 5.63 9.14 -19.65
CA SER A 45 5.51 10.60 -19.71
C SER A 45 5.82 11.12 -21.12
N GLY A 46 4.81 11.10 -21.97
CA GLY A 46 4.99 11.56 -23.34
C GLY A 46 6.36 11.25 -23.89
ZN ZN B . 1.54 -2.73 -3.40
N GLY A 1 -9.98 -9.85 14.76
CA GLY A 1 -9.89 -9.44 16.15
C GLY A 1 -8.61 -8.70 16.45
N SER A 2 -8.65 -7.84 17.47
CA SER A 2 -7.49 -7.05 17.87
C SER A 2 -7.43 -6.88 19.37
N SER A 3 -6.21 -6.79 19.91
CA SER A 3 -6.02 -6.63 21.34
C SER A 3 -5.65 -5.19 21.69
N GLY A 4 -5.79 -4.83 22.96
CA GLY A 4 -5.47 -3.48 23.39
C GLY A 4 -4.13 -3.02 22.88
N SER A 5 -4.12 -1.85 22.22
CA SER A 5 -2.88 -1.30 21.67
C SER A 5 -2.89 0.23 21.77
N SER A 6 -1.69 0.81 21.81
CA SER A 6 -1.55 2.26 21.92
C SER A 6 -1.65 2.91 20.54
N GLY A 7 -0.90 2.39 19.59
CA GLY A 7 -0.92 2.94 18.24
C GLY A 7 -0.80 1.86 17.18
N THR A 8 -1.86 1.08 17.00
CA THR A 8 -1.87 0.01 16.01
C THR A 8 -2.93 0.26 14.95
N GLY A 9 -2.49 0.70 13.77
CA GLY A 9 -3.42 0.96 12.69
C GLY A 9 -3.69 2.45 12.50
N GLU A 10 -2.64 3.26 12.61
CA GLU A 10 -2.77 4.70 12.46
C GLU A 10 -1.92 5.20 11.31
N LYS A 11 -1.78 4.38 10.28
CA LYS A 11 -0.98 4.74 9.11
C LYS A 11 -1.70 5.78 8.27
N PRO A 12 -0.92 6.71 7.68
CA PRO A 12 -1.46 7.79 6.85
C PRO A 12 -2.01 7.27 5.52
N TYR A 13 -1.22 6.45 4.83
CA TYR A 13 -1.62 5.89 3.56
C TYR A 13 -1.44 4.38 3.54
N LYS A 14 -2.22 3.69 2.71
CA LYS A 14 -2.13 2.24 2.60
C LYS A 14 -2.47 1.79 1.17
N CYS A 15 -1.70 0.83 0.67
CA CYS A 15 -1.91 0.30 -0.67
C CYS A 15 -3.12 -0.63 -0.71
N ASN A 16 -3.86 -0.59 -1.81
CA ASN A 16 -5.04 -1.43 -1.97
C ASN A 16 -4.73 -2.63 -2.85
N GLU A 17 -3.47 -2.78 -3.22
CA GLU A 17 -3.05 -3.89 -4.07
C GLU A 17 -2.42 -5.00 -3.23
N CYS A 18 -1.43 -4.63 -2.42
CA CYS A 18 -0.74 -5.60 -1.57
C CYS A 18 -1.08 -5.37 -0.10
N GLY A 19 -1.04 -4.10 0.32
CA GLY A 19 -1.35 -3.77 1.70
C GLY A 19 -0.17 -3.13 2.41
N LYS A 20 0.69 -2.46 1.65
CA LYS A 20 1.86 -1.79 2.22
C LYS A 20 1.51 -0.38 2.67
N ALA A 21 1.68 -0.12 3.96
CA ALA A 21 1.39 1.20 4.52
C ALA A 21 2.66 2.03 4.63
N PHE A 22 2.63 3.22 4.05
CA PHE A 22 3.78 4.12 4.10
C PHE A 22 3.56 5.26 5.08
N ARG A 23 4.51 6.18 5.15
CA ARG A 23 4.42 7.32 6.05
C ARG A 23 4.61 8.63 5.30
N ALA A 24 4.29 8.61 4.00
CA ALA A 24 4.43 9.80 3.17
C ALA A 24 3.69 9.64 1.86
N ARG A 25 2.93 10.65 1.47
CA ARG A 25 2.17 10.62 0.23
C ARG A 25 3.02 10.07 -0.91
N SER A 26 4.26 10.55 -0.99
CA SER A 26 5.17 10.11 -2.04
C SER A 26 5.65 8.68 -1.80
N SER A 27 5.88 8.36 -0.53
CA SER A 27 6.35 7.03 -0.15
C SER A 27 5.42 5.96 -0.70
N LEU A 28 4.13 6.26 -0.73
CA LEU A 28 3.13 5.32 -1.24
C LEU A 28 3.10 5.33 -2.76
N ALA A 29 3.10 6.52 -3.35
CA ALA A 29 3.08 6.66 -4.80
C ALA A 29 4.24 5.89 -5.43
N ILE A 30 5.47 6.26 -5.09
CA ILE A 30 6.65 5.61 -5.63
C ILE A 30 6.44 4.11 -5.76
N HIS A 31 5.74 3.53 -4.79
CA HIS A 31 5.46 2.10 -4.80
C HIS A 31 4.38 1.76 -5.82
N GLN A 32 3.30 2.54 -5.82
CA GLN A 32 2.20 2.33 -6.74
C GLN A 32 2.72 2.17 -8.17
N ALA A 33 3.93 2.64 -8.42
CA ALA A 33 4.54 2.56 -9.74
C ALA A 33 5.07 1.16 -10.01
N THR A 34 4.76 0.23 -9.12
CA THR A 34 5.20 -1.16 -9.27
C THR A 34 4.03 -2.07 -9.61
N HIS A 35 2.82 -1.63 -9.30
CA HIS A 35 1.62 -2.41 -9.59
C HIS A 35 1.12 -2.15 -11.00
N SER A 36 1.02 -0.88 -11.36
CA SER A 36 0.54 -0.49 -12.68
C SER A 36 1.22 -1.32 -13.77
N GLY A 37 0.50 -1.57 -14.86
CA GLY A 37 1.05 -2.35 -15.95
C GLY A 37 -0.02 -3.02 -16.78
N GLU A 38 -0.93 -2.23 -17.32
CA GLU A 38 -2.02 -2.75 -18.14
C GLU A 38 -2.87 -3.73 -17.34
N LYS A 39 -3.16 -3.38 -16.10
CA LYS A 39 -3.97 -4.23 -15.22
C LYS A 39 -5.31 -3.58 -14.92
N PRO A 40 -6.26 -3.69 -15.87
CA PRO A 40 -7.60 -3.12 -15.73
C PRO A 40 -8.43 -3.85 -14.67
N SER A 41 -7.81 -4.83 -14.01
CA SER A 41 -8.49 -5.59 -12.97
C SER A 41 -8.55 -4.80 -11.66
N GLY A 42 -9.06 -3.57 -11.74
CA GLY A 42 -9.16 -2.73 -10.56
C GLY A 42 -8.65 -1.33 -10.80
N PRO A 43 -9.37 -0.57 -11.64
CA PRO A 43 -9.00 0.81 -11.96
C PRO A 43 -9.18 1.76 -10.77
N SER A 44 -9.60 1.21 -9.64
CA SER A 44 -9.80 2.01 -8.43
C SER A 44 -8.79 3.14 -8.35
N SER A 45 -7.54 2.78 -8.08
CA SER A 45 -6.47 3.77 -7.97
C SER A 45 -5.67 3.85 -9.26
N GLY A 46 -5.95 4.86 -10.07
CA GLY A 46 -5.25 5.03 -11.33
C GLY A 46 -5.56 3.93 -12.32
ZN ZN B . 1.01 -2.37 -3.19
N GLY A 1 13.67 -14.46 21.16
CA GLY A 1 12.22 -14.32 21.09
C GLY A 1 11.80 -12.94 20.64
N SER A 2 10.53 -12.81 20.24
CA SER A 2 10.00 -11.53 19.78
C SER A 2 8.57 -11.33 20.27
N SER A 3 8.31 -10.15 20.84
CA SER A 3 6.98 -9.83 21.36
C SER A 3 6.52 -8.48 20.84
N GLY A 4 6.76 -8.21 19.56
CA GLY A 4 6.36 -6.95 18.96
C GLY A 4 7.38 -5.85 19.20
N SER A 5 8.22 -5.61 18.21
CA SER A 5 9.25 -4.57 18.31
C SER A 5 8.70 -3.22 17.91
N SER A 6 9.28 -2.16 18.47
CA SER A 6 8.84 -0.80 18.17
C SER A 6 8.86 -0.54 16.67
N GLY A 7 8.18 0.53 16.25
CA GLY A 7 8.13 0.87 14.84
C GLY A 7 6.76 1.34 14.41
N THR A 8 5.73 0.60 14.81
CA THR A 8 4.36 0.95 14.45
C THR A 8 3.94 2.27 15.10
N GLY A 9 2.95 2.92 14.50
CA GLY A 9 2.48 4.19 15.04
C GLY A 9 1.19 4.64 14.37
N GLU A 10 1.27 5.06 13.12
CA GLU A 10 0.12 5.52 12.38
C GLU A 10 0.17 5.06 10.93
N LYS A 11 -1.01 4.81 10.35
CA LYS A 11 -1.10 4.37 8.97
C LYS A 11 -2.04 5.26 8.17
N PRO A 12 -1.54 6.42 7.72
CA PRO A 12 -2.31 7.38 6.94
C PRO A 12 -2.63 6.86 5.54
N TYR A 13 -1.61 6.31 4.88
CA TYR A 13 -1.78 5.78 3.52
C TYR A 13 -1.63 4.27 3.50
N LYS A 14 -2.46 3.60 2.71
CA LYS A 14 -2.42 2.15 2.61
C LYS A 14 -2.78 1.70 1.19
N CYS A 15 -1.99 0.78 0.65
CA CYS A 15 -2.22 0.26 -0.68
C CYS A 15 -3.29 -0.83 -0.68
N ASN A 16 -4.43 -0.53 -1.27
CA ASN A 16 -5.54 -1.48 -1.34
C ASN A 16 -5.33 -2.48 -2.48
N GLU A 17 -4.12 -2.52 -3.01
CA GLU A 17 -3.80 -3.43 -4.11
C GLU A 17 -3.01 -4.63 -3.60
N CYS A 18 -2.13 -4.39 -2.62
CA CYS A 18 -1.32 -5.45 -2.04
C CYS A 18 -1.43 -5.46 -0.52
N GLY A 19 -1.30 -4.29 0.08
CA GLY A 19 -1.40 -4.19 1.53
C GLY A 19 -0.21 -3.48 2.14
N LYS A 20 0.41 -2.58 1.37
CA LYS A 20 1.57 -1.84 1.84
C LYS A 20 1.16 -0.44 2.31
N ALA A 21 1.46 -0.13 3.57
CA ALA A 21 1.13 1.17 4.12
C ALA A 21 2.40 2.01 4.35
N PHE A 22 2.31 3.29 4.04
CA PHE A 22 3.44 4.20 4.20
C PHE A 22 3.11 5.30 5.21
N ARG A 23 4.04 6.24 5.37
CA ARG A 23 3.85 7.34 6.31
C ARG A 23 3.42 8.61 5.58
N ALA A 24 3.91 8.77 4.36
CA ALA A 24 3.58 9.94 3.54
C ALA A 24 3.04 9.52 2.19
N ARG A 25 2.34 10.45 1.53
CA ARG A 25 1.77 10.17 0.21
C ARG A 25 2.87 9.83 -0.80
N SER A 26 3.78 10.79 -1.02
CA SER A 26 4.87 10.60 -1.96
C SER A 26 5.47 9.20 -1.82
N SER A 27 5.68 8.77 -0.58
CA SER A 27 6.25 7.45 -0.32
C SER A 27 5.42 6.36 -0.99
N LEU A 28 4.11 6.41 -0.77
CA LEU A 28 3.20 5.42 -1.35
C LEU A 28 3.37 5.36 -2.87
N ALA A 29 3.48 6.53 -3.50
CA ALA A 29 3.65 6.59 -4.94
C ALA A 29 4.87 5.79 -5.39
N ILE A 30 6.01 6.04 -4.74
CA ILE A 30 7.24 5.34 -5.08
C ILE A 30 6.99 3.85 -5.31
N HIS A 31 6.04 3.30 -4.56
CA HIS A 31 5.70 1.89 -4.66
C HIS A 31 4.71 1.66 -5.80
N GLN A 32 3.72 2.55 -5.91
CA GLN A 32 2.70 2.44 -6.95
C GLN A 32 3.35 2.21 -8.31
N ALA A 33 4.63 2.52 -8.42
CA ALA A 33 5.35 2.34 -9.67
C ALA A 33 5.73 0.88 -9.89
N THR A 34 5.20 0.01 -9.03
CA THR A 34 5.48 -1.42 -9.13
C THR A 34 4.26 -2.18 -9.64
N HIS A 35 3.07 -1.70 -9.29
CA HIS A 35 1.84 -2.33 -9.71
C HIS A 35 1.68 -2.26 -11.23
N SER A 36 2.11 -3.33 -11.91
CA SER A 36 2.02 -3.38 -13.37
C SER A 36 0.69 -2.81 -13.85
N GLY A 37 0.66 -2.35 -15.10
CA GLY A 37 -0.55 -1.79 -15.67
C GLY A 37 -0.28 -0.55 -16.50
N GLU A 38 0.02 0.55 -15.83
CA GLU A 38 0.28 1.82 -16.51
C GLU A 38 1.73 2.24 -16.30
N LYS A 39 2.63 1.69 -17.11
CA LYS A 39 4.04 2.02 -17.02
C LYS A 39 4.55 2.63 -18.32
N PRO A 40 4.23 3.93 -18.53
CA PRO A 40 4.65 4.64 -19.73
C PRO A 40 6.15 4.91 -19.76
N SER A 41 6.86 4.40 -18.76
CA SER A 41 8.30 4.59 -18.67
C SER A 41 9.04 3.45 -19.37
N GLY A 42 8.91 2.24 -18.83
CA GLY A 42 9.56 1.09 -19.41
C GLY A 42 9.57 -0.10 -18.49
N PRO A 43 8.46 -0.86 -18.49
CA PRO A 43 8.32 -2.05 -17.64
C PRO A 43 9.21 -3.20 -18.09
N SER A 44 9.73 -3.95 -17.13
CA SER A 44 10.61 -5.08 -17.43
C SER A 44 10.92 -5.87 -16.16
N SER A 45 10.96 -7.20 -16.30
CA SER A 45 11.24 -8.07 -15.17
C SER A 45 12.69 -7.90 -14.71
N GLY A 46 12.86 -7.48 -13.46
CA GLY A 46 14.20 -7.29 -12.92
C GLY A 46 14.87 -6.03 -13.45
ZN ZN B . 0.83 -2.02 -3.53
N GLY A 1 -7.74 -15.56 9.64
CA GLY A 1 -6.58 -14.82 10.10
C GLY A 1 -6.67 -13.35 9.74
N SER A 2 -5.77 -12.55 10.32
CA SER A 2 -5.75 -11.11 10.06
C SER A 2 -4.49 -10.47 10.64
N SER A 3 -4.22 -9.23 10.24
CA SER A 3 -3.05 -8.52 10.72
C SER A 3 -3.19 -7.01 10.47
N GLY A 4 -2.21 -6.25 10.95
CA GLY A 4 -2.25 -4.81 10.78
C GLY A 4 -1.54 -4.07 11.89
N SER A 5 -1.95 -2.84 12.15
CA SER A 5 -1.33 -2.03 13.20
C SER A 5 -2.40 -1.32 14.03
N SER A 6 -2.44 -1.66 15.32
CA SER A 6 -3.42 -1.06 16.23
C SER A 6 -2.71 -0.25 17.32
N GLY A 7 -2.55 1.04 17.08
CA GLY A 7 -1.89 1.89 18.05
C GLY A 7 -0.95 2.89 17.40
N THR A 8 -0.03 2.39 16.59
CA THR A 8 0.94 3.24 15.90
C THR A 8 0.44 3.65 14.52
N GLY A 9 0.98 4.73 13.99
CA GLY A 9 0.58 5.20 12.68
C GLY A 9 -0.85 5.70 12.65
N GLU A 10 -1.14 6.60 11.72
CA GLU A 10 -2.48 7.15 11.60
C GLU A 10 -3.08 6.84 10.23
N LYS A 11 -2.88 5.61 9.77
CA LYS A 11 -3.40 5.18 8.48
C LYS A 11 -3.27 6.29 7.44
N PRO A 12 -2.04 6.82 7.30
CA PRO A 12 -1.76 7.89 6.34
C PRO A 12 -1.83 7.42 4.89
N TYR A 13 -1.15 6.31 4.60
CA TYR A 13 -1.13 5.76 3.25
C TYR A 13 -0.94 4.24 3.29
N LYS A 14 -1.53 3.56 2.32
CA LYS A 14 -1.42 2.10 2.24
C LYS A 14 -1.88 1.60 0.87
N CYS A 15 -1.29 0.51 0.43
CA CYS A 15 -1.63 -0.09 -0.86
C CYS A 15 -2.71 -1.15 -0.71
N ASN A 16 -3.90 -0.85 -1.19
CA ASN A 16 -5.02 -1.79 -1.11
C ASN A 16 -4.95 -2.81 -2.24
N GLU A 17 -3.75 -3.27 -2.54
CA GLU A 17 -3.55 -4.26 -3.60
C GLU A 17 -2.69 -5.41 -3.11
N CYS A 18 -1.63 -5.08 -2.37
CA CYS A 18 -0.72 -6.09 -1.84
C CYS A 18 -0.68 -6.04 -0.31
N GLY A 19 -0.58 -4.83 0.23
CA GLY A 19 -0.52 -4.66 1.67
C GLY A 19 0.70 -3.89 2.13
N LYS A 20 1.03 -2.82 1.40
CA LYS A 20 2.18 -2.00 1.74
C LYS A 20 1.74 -0.71 2.43
N ALA A 21 2.15 -0.54 3.68
CA ALA A 21 1.81 0.64 4.45
C ALA A 21 2.95 1.66 4.43
N PHE A 22 2.62 2.91 4.14
CA PHE A 22 3.62 3.97 4.08
C PHE A 22 3.27 5.09 5.05
N ARG A 23 4.29 5.67 5.67
CA ARG A 23 4.09 6.76 6.63
C ARG A 23 4.04 8.11 5.92
N ALA A 24 4.63 8.16 4.73
CA ALA A 24 4.66 9.39 3.94
C ALA A 24 3.90 9.22 2.63
N ARG A 25 3.47 10.34 2.05
CA ARG A 25 2.73 10.31 0.79
C ARG A 25 3.59 9.77 -0.33
N SER A 26 4.75 10.40 -0.54
CA SER A 26 5.67 9.99 -1.59
C SER A 26 6.01 8.50 -1.46
N SER A 27 6.25 8.06 -0.22
CA SER A 27 6.60 6.67 0.04
C SER A 27 5.57 5.72 -0.58
N LEU A 28 4.31 6.15 -0.58
CA LEU A 28 3.23 5.35 -1.14
C LEU A 28 3.23 5.42 -2.66
N ALA A 29 3.38 6.64 -3.18
CA ALA A 29 3.40 6.84 -4.62
C ALA A 29 4.46 5.98 -5.29
N ILE A 30 5.72 6.20 -4.91
CA ILE A 30 6.83 5.44 -5.47
C ILE A 30 6.44 3.99 -5.72
N HIS A 31 5.72 3.41 -4.76
CA HIS A 31 5.27 2.02 -4.88
C HIS A 31 4.13 1.90 -5.88
N GLN A 32 3.11 2.75 -5.71
CA GLN A 32 1.95 2.73 -6.60
C GLN A 32 2.39 2.69 -8.06
N ALA A 33 3.63 3.09 -8.31
CA ALA A 33 4.17 3.11 -9.67
C ALA A 33 4.62 1.71 -10.09
N THR A 34 4.20 0.70 -9.33
CA THR A 34 4.56 -0.68 -9.63
C THR A 34 3.35 -1.49 -10.03
N HIS A 35 2.18 -1.11 -9.50
CA HIS A 35 0.94 -1.81 -9.81
C HIS A 35 0.35 -1.31 -11.13
N SER A 36 1.21 -1.14 -12.12
CA SER A 36 0.77 -0.66 -13.43
C SER A 36 -0.43 -1.45 -13.93
N GLY A 37 -1.15 -0.89 -14.90
CA GLY A 37 -2.32 -1.55 -15.44
C GLY A 37 -1.97 -2.87 -16.11
N GLU A 38 -2.31 -3.98 -15.46
CA GLU A 38 -2.03 -5.29 -16.00
C GLU A 38 -3.03 -6.33 -15.47
N LYS A 39 -3.84 -6.86 -16.37
CA LYS A 39 -4.85 -7.85 -16.00
C LYS A 39 -5.43 -7.55 -14.62
N PRO A 40 -5.94 -6.32 -14.46
CA PRO A 40 -6.54 -5.88 -13.19
C PRO A 40 -7.86 -6.56 -12.91
N SER A 41 -8.00 -7.09 -11.69
CA SER A 41 -9.22 -7.78 -11.30
C SER A 41 -9.44 -7.68 -9.79
N GLY A 42 -10.63 -7.23 -9.41
CA GLY A 42 -10.95 -7.09 -7.99
C GLY A 42 -11.73 -5.82 -7.70
N PRO A 43 -13.03 -5.83 -8.03
CA PRO A 43 -13.91 -4.68 -7.82
C PRO A 43 -14.20 -4.44 -6.34
N SER A 44 -13.94 -3.23 -5.87
CA SER A 44 -14.16 -2.88 -4.48
C SER A 44 -13.93 -1.38 -4.26
N SER A 45 -14.78 -0.79 -3.41
CA SER A 45 -14.67 0.64 -3.11
C SER A 45 -14.42 1.45 -4.38
N GLY A 46 -15.14 1.08 -5.45
CA GLY A 46 -14.99 1.79 -6.71
C GLY A 46 -16.14 2.74 -6.98
ZN ZN B . 1.08 -2.71 -3.65
N GLY A 1 2.12 -14.54 21.10
CA GLY A 1 1.88 -14.00 19.78
C GLY A 1 3.07 -14.17 18.86
N SER A 2 2.81 -14.56 17.62
CA SER A 2 3.87 -14.76 16.64
C SER A 2 4.14 -13.48 15.87
N SER A 3 3.09 -12.91 15.27
CA SER A 3 3.23 -11.68 14.50
C SER A 3 4.26 -10.76 15.13
N GLY A 4 4.10 -10.50 16.43
CA GLY A 4 5.03 -9.63 17.12
C GLY A 4 4.77 -8.16 16.86
N SER A 5 3.70 -7.64 17.47
CA SER A 5 3.34 -6.24 17.28
C SER A 5 3.35 -5.51 18.62
N SER A 6 4.40 -4.72 18.84
CA SER A 6 4.53 -3.97 20.08
C SER A 6 3.85 -2.60 19.97
N GLY A 7 2.55 -2.57 20.28
CA GLY A 7 1.79 -1.34 20.20
C GLY A 7 1.45 -0.96 18.78
N THR A 8 0.65 -1.80 18.12
CA THR A 8 0.24 -1.55 16.75
C THR A 8 -0.05 -0.07 16.51
N GLY A 9 0.65 0.52 15.56
CA GLY A 9 0.45 1.93 15.26
C GLY A 9 -0.34 2.15 13.99
N GLU A 10 -1.15 3.20 13.96
CA GLU A 10 -1.98 3.51 12.81
C GLU A 10 -1.14 4.18 11.71
N LYS A 11 -1.43 3.83 10.46
CA LYS A 11 -0.71 4.40 9.33
C LYS A 11 -1.55 5.47 8.64
N PRO A 12 -0.87 6.52 8.14
CA PRO A 12 -1.54 7.62 7.44
C PRO A 12 -2.07 7.21 6.08
N TYR A 13 -1.34 6.33 5.40
CA TYR A 13 -1.74 5.85 4.08
C TYR A 13 -1.59 4.34 3.98
N LYS A 14 -2.25 3.75 3.00
CA LYS A 14 -2.19 2.31 2.79
C LYS A 14 -2.55 1.96 1.35
N CYS A 15 -1.83 0.98 0.79
CA CYS A 15 -2.07 0.55 -0.58
C CYS A 15 -3.32 -0.32 -0.67
N ASN A 16 -4.02 -0.23 -1.79
CA ASN A 16 -5.24 -1.02 -1.99
C ASN A 16 -4.97 -2.21 -2.90
N GLU A 17 -3.71 -2.36 -3.32
CA GLU A 17 -3.34 -3.46 -4.19
C GLU A 17 -2.73 -4.61 -3.38
N CYS A 18 -1.78 -4.28 -2.50
CA CYS A 18 -1.13 -5.28 -1.66
C CYS A 18 -1.42 -5.03 -0.19
N GLY A 19 -1.24 -3.78 0.24
CA GLY A 19 -1.49 -3.44 1.62
C GLY A 19 -0.28 -2.80 2.29
N LYS A 20 0.59 -2.20 1.49
CA LYS A 20 1.79 -1.54 1.99
C LYS A 20 1.44 -0.23 2.70
N ALA A 21 1.85 -0.13 3.96
CA ALA A 21 1.58 1.07 4.74
C ALA A 21 2.72 2.08 4.62
N PHE A 22 2.43 3.25 4.08
CA PHE A 22 3.43 4.30 3.91
C PHE A 22 3.18 5.45 4.86
N ARG A 23 4.17 6.34 4.98
CA ARG A 23 4.07 7.48 5.88
C ARG A 23 4.28 8.79 5.11
N ALA A 24 3.90 8.79 3.83
CA ALA A 24 4.05 9.97 2.99
C ALA A 24 3.35 9.78 1.66
N ARG A 25 2.55 10.77 1.27
CA ARG A 25 1.82 10.70 0.01
C ARG A 25 2.70 10.17 -1.12
N SER A 26 3.94 10.64 -1.16
CA SER A 26 4.89 10.21 -2.18
C SER A 26 5.34 8.77 -1.94
N SER A 27 5.50 8.42 -0.67
CA SER A 27 5.92 7.07 -0.31
C SER A 27 5.01 6.02 -0.94
N LEU A 28 3.72 6.36 -1.04
CA LEU A 28 2.75 5.44 -1.63
C LEU A 28 2.89 5.39 -3.15
N ALA A 29 3.04 6.56 -3.76
CA ALA A 29 3.20 6.64 -5.21
C ALA A 29 4.41 5.85 -5.68
N ILE A 30 5.58 6.22 -5.20
CA ILE A 30 6.82 5.55 -5.57
C ILE A 30 6.61 4.03 -5.68
N HIS A 31 5.78 3.49 -4.79
CA HIS A 31 5.48 2.06 -4.79
C HIS A 31 4.54 1.70 -5.93
N GLN A 32 3.54 2.54 -6.16
CA GLN A 32 2.57 2.31 -7.22
C GLN A 32 3.28 1.99 -8.54
N ALA A 33 4.55 2.35 -8.61
CA ALA A 33 5.34 2.11 -9.82
C ALA A 33 5.81 0.66 -9.88
N THR A 34 5.28 -0.17 -8.99
CA THR A 34 5.64 -1.58 -8.93
C THR A 34 4.49 -2.46 -9.39
N HIS A 35 3.26 -2.01 -9.15
CA HIS A 35 2.07 -2.75 -9.53
C HIS A 35 1.85 -2.68 -11.03
N SER A 36 2.33 -3.70 -11.75
CA SER A 36 2.19 -3.74 -13.20
C SER A 36 0.75 -3.46 -13.61
N GLY A 37 -0.18 -4.17 -12.99
CA GLY A 37 -1.59 -3.98 -13.31
C GLY A 37 -2.48 -4.03 -12.08
N GLU A 38 -3.47 -4.92 -12.11
CA GLU A 38 -4.39 -5.07 -10.98
C GLU A 38 -4.48 -6.52 -10.54
N LYS A 39 -4.35 -6.75 -9.24
CA LYS A 39 -4.42 -8.10 -8.68
C LYS A 39 -5.56 -8.21 -7.68
N PRO A 40 -6.80 -8.11 -8.17
CA PRO A 40 -8.00 -8.20 -7.33
C PRO A 40 -8.23 -9.61 -6.81
N SER A 41 -7.34 -10.53 -7.19
CA SER A 41 -7.44 -11.92 -6.75
C SER A 41 -6.90 -12.10 -5.34
N GLY A 42 -7.79 -11.98 -4.35
CA GLY A 42 -7.38 -12.12 -2.97
C GLY A 42 -7.85 -10.98 -2.09
N PRO A 43 -9.17 -10.92 -1.86
CA PRO A 43 -9.78 -9.86 -1.04
C PRO A 43 -9.41 -10.00 0.44
N SER A 44 -8.99 -8.89 1.04
CA SER A 44 -8.62 -8.89 2.45
C SER A 44 -9.45 -7.88 3.23
N SER A 45 -9.54 -6.66 2.72
CA SER A 45 -10.31 -5.61 3.37
C SER A 45 -11.56 -6.18 4.05
N GLY A 46 -11.95 -5.57 5.16
CA GLY A 46 -13.12 -6.04 5.88
C GLY A 46 -14.35 -6.09 5.00
ZN ZN B . 0.68 -2.10 -3.29
N GLY A 1 8.26 -15.44 25.43
CA GLY A 1 7.54 -16.07 24.33
C GLY A 1 6.07 -15.68 24.30
N SER A 2 5.82 -14.38 24.33
CA SER A 2 4.44 -13.87 24.30
C SER A 2 4.23 -12.96 23.10
N SER A 3 2.97 -12.68 22.80
CA SER A 3 2.62 -11.82 21.68
C SER A 3 1.12 -11.52 21.65
N GLY A 4 0.78 -10.24 21.58
CA GLY A 4 -0.63 -9.84 21.56
C GLY A 4 -1.35 -10.35 20.32
N SER A 5 -2.63 -10.66 20.48
CA SER A 5 -3.44 -11.16 19.38
C SER A 5 -3.76 -10.03 18.39
N SER A 6 -3.89 -8.82 18.90
CA SER A 6 -4.20 -7.65 18.08
C SER A 6 -3.51 -6.41 18.60
N GLY A 7 -3.56 -5.33 17.82
CA GLY A 7 -2.94 -4.09 18.23
C GLY A 7 -3.38 -2.91 17.38
N THR A 8 -2.91 -1.72 17.72
CA THR A 8 -3.27 -0.52 16.99
C THR A 8 -2.72 -0.55 15.57
N GLY A 9 -3.29 0.28 14.70
CA GLY A 9 -2.85 0.32 13.32
C GLY A 9 -3.34 1.55 12.60
N GLU A 10 -3.04 2.72 13.15
CA GLU A 10 -3.45 3.99 12.54
C GLU A 10 -2.41 4.49 11.56
N LYS A 11 -2.50 4.03 10.32
CA LYS A 11 -1.56 4.44 9.28
C LYS A 11 -2.18 5.48 8.36
N PRO A 12 -1.37 6.44 7.90
CA PRO A 12 -1.82 7.51 7.01
C PRO A 12 -2.14 7.00 5.61
N TYR A 13 -1.25 6.21 5.04
CA TYR A 13 -1.45 5.65 3.71
C TYR A 13 -1.30 4.13 3.72
N LYS A 14 -2.18 3.45 3.00
CA LYS A 14 -2.15 2.00 2.93
C LYS A 14 -2.59 1.52 1.55
N CYS A 15 -1.71 0.80 0.86
CA CYS A 15 -2.00 0.28 -0.46
C CYS A 15 -3.07 -0.82 -0.39
N ASN A 16 -4.14 -0.64 -1.15
CA ASN A 16 -5.23 -1.61 -1.17
C ASN A 16 -4.96 -2.71 -2.20
N GLU A 17 -3.75 -2.72 -2.73
CA GLU A 17 -3.36 -3.72 -3.73
C GLU A 17 -2.58 -4.86 -3.08
N CYS A 18 -1.57 -4.52 -2.30
CA CYS A 18 -0.75 -5.51 -1.63
C CYS A 18 -0.93 -5.43 -0.11
N GLY A 19 -1.06 -4.21 0.40
CA GLY A 19 -1.24 -4.01 1.83
C GLY A 19 -0.09 -3.26 2.46
N LYS A 20 0.63 -2.50 1.64
CA LYS A 20 1.77 -1.71 2.12
C LYS A 20 1.29 -0.53 2.95
N ALA A 21 2.19 0.04 3.75
CA ALA A 21 1.87 1.19 4.59
C ALA A 21 3.03 2.17 4.65
N PHE A 22 2.78 3.39 4.20
CA PHE A 22 3.81 4.44 4.21
C PHE A 22 3.47 5.54 5.20
N ARG A 23 4.28 6.58 5.22
CA ARG A 23 4.06 7.71 6.12
C ARG A 23 3.72 8.98 5.34
N ALA A 24 4.18 9.05 4.10
CA ALA A 24 3.92 10.20 3.25
C ALA A 24 3.34 9.77 1.90
N ARG A 25 3.16 10.74 1.02
CA ARG A 25 2.61 10.46 -0.31
C ARG A 25 3.69 9.95 -1.26
N SER A 26 4.68 10.81 -1.53
CA SER A 26 5.77 10.44 -2.42
C SER A 26 6.29 9.04 -2.11
N SER A 27 6.12 8.62 -0.87
CA SER A 27 6.55 7.29 -0.45
C SER A 27 5.66 6.21 -1.04
N LEU A 28 4.36 6.46 -1.05
CA LEU A 28 3.40 5.51 -1.59
C LEU A 28 3.43 5.50 -3.12
N ALA A 29 3.64 6.67 -3.71
CA ALA A 29 3.70 6.80 -5.16
C ALA A 29 4.79 5.90 -5.74
N ILE A 30 6.03 6.11 -5.29
CA ILE A 30 7.16 5.32 -5.77
C ILE A 30 6.78 3.85 -5.90
N HIS A 31 5.96 3.37 -4.98
CA HIS A 31 5.52 1.98 -4.99
C HIS A 31 4.39 1.77 -5.99
N GLN A 32 3.43 2.70 -6.00
CA GLN A 32 2.29 2.62 -6.91
C GLN A 32 2.77 2.43 -8.35
N ALA A 33 4.04 2.73 -8.60
CA ALA A 33 4.61 2.59 -9.92
C ALA A 33 5.03 1.15 -10.20
N THR A 34 4.61 0.25 -9.32
CA THR A 34 4.94 -1.17 -9.46
C THR A 34 3.71 -1.99 -9.80
N HIS A 35 2.56 -1.57 -9.27
CA HIS A 35 1.31 -2.28 -9.51
C HIS A 35 0.83 -2.06 -10.93
N SER A 36 0.79 -0.80 -11.36
CA SER A 36 0.35 -0.45 -12.70
C SER A 36 0.85 -1.48 -13.72
N GLY A 37 -0.07 -2.20 -14.33
CA GLY A 37 0.29 -3.20 -15.31
C GLY A 37 -0.17 -4.59 -14.92
N GLU A 38 -1.37 -4.68 -14.38
CA GLU A 38 -1.93 -5.97 -13.95
C GLU A 38 -0.92 -6.74 -13.11
N LYS A 39 -0.29 -6.05 -12.17
CA LYS A 39 0.71 -6.67 -11.29
C LYS A 39 0.16 -6.80 -9.88
N PRO A 40 -0.65 -7.85 -9.65
CA PRO A 40 -1.24 -8.11 -8.33
C PRO A 40 -0.22 -8.57 -7.31
N SER A 41 1.05 -8.61 -7.72
CA SER A 41 2.13 -9.02 -6.84
C SER A 41 1.86 -8.60 -5.40
N GLY A 42 1.76 -9.57 -4.51
CA GLY A 42 1.50 -9.27 -3.11
C GLY A 42 1.33 -10.52 -2.27
N PRO A 43 2.46 -11.12 -1.87
CA PRO A 43 2.46 -12.34 -1.05
C PRO A 43 1.97 -12.08 0.38
N SER A 44 1.58 -10.84 0.65
CA SER A 44 1.10 -10.47 1.96
C SER A 44 -0.14 -9.57 1.86
N SER A 45 -0.98 -9.61 2.88
CA SER A 45 -2.20 -8.80 2.91
C SER A 45 -2.15 -7.78 4.02
N GLY A 46 -2.07 -8.26 5.27
CA GLY A 46 -2.01 -7.37 6.40
C GLY A 46 -3.35 -6.72 6.70
ZN ZN B . 0.88 -2.12 -3.26
N GLY A 1 -4.01 -13.71 16.41
CA GLY A 1 -4.88 -12.88 17.21
C GLY A 1 -4.32 -11.49 17.44
N SER A 2 -3.90 -11.21 18.67
CA SER A 2 -3.35 -9.92 19.02
C SER A 2 -2.19 -9.56 18.10
N SER A 3 -2.20 -8.34 17.58
CA SER A 3 -1.16 -7.87 16.68
C SER A 3 -0.08 -7.11 17.45
N GLY A 4 1.17 -7.28 17.02
CA GLY A 4 2.28 -6.62 17.69
C GLY A 4 2.43 -5.17 17.24
N SER A 5 1.35 -4.41 17.35
CA SER A 5 1.37 -3.00 16.95
C SER A 5 0.90 -2.11 18.09
N SER A 6 1.83 -1.74 18.97
CA SER A 6 1.50 -0.89 20.12
C SER A 6 1.94 0.55 19.86
N GLY A 7 1.10 1.29 19.14
CA GLY A 7 1.41 2.68 18.84
C GLY A 7 2.46 2.81 17.76
N THR A 8 2.06 2.60 16.51
CA THR A 8 2.98 2.70 15.38
C THR A 8 2.24 3.00 14.09
N GLY A 9 2.62 4.09 13.43
CA GLY A 9 1.97 4.47 12.18
C GLY A 9 0.49 4.72 12.35
N GLU A 10 0.08 5.98 12.22
CA GLU A 10 -1.32 6.34 12.36
C GLU A 10 -2.09 6.05 11.08
N LYS A 11 -1.87 4.87 10.51
CA LYS A 11 -2.54 4.47 9.28
C LYS A 11 -2.71 5.67 8.35
N PRO A 12 -1.61 6.39 8.08
CA PRO A 12 -1.63 7.56 7.21
C PRO A 12 -1.85 7.19 5.75
N TYR A 13 -1.08 6.20 5.27
CA TYR A 13 -1.20 5.75 3.90
C TYR A 13 -1.06 4.24 3.80
N LYS A 14 -1.91 3.63 2.97
CA LYS A 14 -1.89 2.17 2.79
C LYS A 14 -2.32 1.80 1.38
N CYS A 15 -1.72 0.75 0.84
CA CYS A 15 -2.04 0.29 -0.50
C CYS A 15 -3.14 -0.78 -0.46
N ASN A 16 -4.28 -0.48 -1.06
CA ASN A 16 -5.40 -1.41 -1.10
C ASN A 16 -5.30 -2.34 -2.30
N GLU A 17 -4.08 -2.55 -2.78
CA GLU A 17 -3.84 -3.42 -3.93
C GLU A 17 -3.06 -4.66 -3.52
N CYS A 18 -2.02 -4.46 -2.72
CA CYS A 18 -1.19 -5.57 -2.26
C CYS A 18 -1.24 -5.69 -0.73
N GLY A 19 -1.11 -4.56 -0.05
CA GLY A 19 -1.15 -4.56 1.40
C GLY A 19 0.04 -3.85 2.01
N LYS A 20 0.52 -2.81 1.33
CA LYS A 20 1.66 -2.03 1.82
C LYS A 20 1.19 -0.85 2.66
N ALA A 21 2.11 -0.29 3.43
CA ALA A 21 1.79 0.86 4.28
C ALA A 21 2.98 1.81 4.38
N PHE A 22 2.72 3.09 4.13
CA PHE A 22 3.77 4.10 4.18
C PHE A 22 3.39 5.21 5.17
N ARG A 23 4.34 6.12 5.41
CA ARG A 23 4.11 7.24 6.33
C ARG A 23 3.42 8.40 5.62
N ALA A 24 3.80 8.62 4.37
CA ALA A 24 3.22 9.70 3.58
C ALA A 24 2.90 9.23 2.16
N ARG A 25 2.16 10.06 1.43
CA ARG A 25 1.78 9.73 0.06
C ARG A 25 3.01 9.58 -0.83
N SER A 26 3.83 10.64 -0.88
CA SER A 26 5.04 10.63 -1.69
C SER A 26 5.73 9.28 -1.61
N SER A 27 5.70 8.67 -0.43
CA SER A 27 6.33 7.37 -0.21
C SER A 27 5.55 6.26 -0.89
N LEU A 28 4.22 6.38 -0.85
CA LEU A 28 3.35 5.37 -1.45
C LEU A 28 3.48 5.40 -2.97
N ALA A 29 3.61 6.61 -3.53
CA ALA A 29 3.74 6.77 -4.98
C ALA A 29 4.84 5.89 -5.53
N ILE A 30 6.06 6.04 -5.01
CA ILE A 30 7.19 5.26 -5.45
C ILE A 30 6.80 3.79 -5.65
N HIS A 31 5.95 3.29 -4.76
CA HIS A 31 5.50 1.90 -4.84
C HIS A 31 4.49 1.72 -5.97
N GLN A 32 3.62 2.71 -6.15
CA GLN A 32 2.61 2.66 -7.19
C GLN A 32 3.24 2.38 -8.56
N ALA A 33 4.56 2.57 -8.63
CA ALA A 33 5.29 2.34 -9.88
C ALA A 33 5.59 0.85 -10.07
N THR A 34 5.01 0.02 -9.22
CA THR A 34 5.20 -1.42 -9.30
C THR A 34 3.94 -2.13 -9.77
N HIS A 35 2.79 -1.51 -9.52
CA HIS A 35 1.51 -2.08 -9.93
C HIS A 35 1.24 -1.81 -11.40
N SER A 36 2.25 -2.04 -12.24
CA SER A 36 2.11 -1.82 -13.68
C SER A 36 0.76 -2.29 -14.18
N GLY A 37 -0.03 -1.35 -14.69
CA GLY A 37 -1.35 -1.69 -15.20
C GLY A 37 -1.78 -0.79 -16.34
N GLU A 38 -0.97 -0.75 -17.39
CA GLU A 38 -1.27 0.08 -18.55
C GLU A 38 -1.88 -0.75 -19.67
N LYS A 39 -1.63 -2.06 -19.63
CA LYS A 39 -2.16 -2.97 -20.64
C LYS A 39 -3.24 -3.87 -20.06
N PRO A 40 -4.47 -3.33 -19.96
CA PRO A 40 -5.62 -4.07 -19.42
C PRO A 40 -6.07 -5.19 -20.35
N SER A 41 -5.41 -5.30 -21.50
CA SER A 41 -5.75 -6.32 -22.48
C SER A 41 -5.03 -7.63 -22.17
N GLY A 42 -5.63 -8.45 -21.32
CA GLY A 42 -5.03 -9.72 -20.97
C GLY A 42 -5.89 -10.51 -19.98
N PRO A 43 -6.87 -11.24 -20.52
CA PRO A 43 -7.79 -12.06 -19.70
C PRO A 43 -7.09 -13.26 -19.09
N SER A 44 -6.63 -13.12 -17.85
CA SER A 44 -5.93 -14.19 -17.16
C SER A 44 -6.92 -15.04 -16.35
N SER A 45 -8.03 -15.38 -16.97
CA SER A 45 -9.06 -16.19 -16.30
C SER A 45 -8.45 -17.43 -15.67
N GLY A 46 -9.21 -18.07 -14.79
CA GLY A 46 -8.73 -19.27 -14.13
C GLY A 46 -9.86 -20.08 -13.52
ZN ZN B . 0.59 -2.21 -3.67
N GLY A 1 -15.22 -9.51 10.27
CA GLY A 1 -16.14 -9.48 9.15
C GLY A 1 -17.32 -8.56 9.38
N SER A 2 -18.08 -8.82 10.44
CA SER A 2 -19.25 -8.01 10.77
C SER A 2 -18.86 -6.86 11.69
N SER A 3 -18.27 -7.19 12.84
CA SER A 3 -17.86 -6.18 13.80
C SER A 3 -17.24 -4.98 13.10
N GLY A 4 -17.39 -3.80 13.71
CA GLY A 4 -16.85 -2.60 13.13
C GLY A 4 -16.02 -1.80 14.13
N SER A 5 -15.21 -2.50 14.92
CA SER A 5 -14.37 -1.85 15.92
C SER A 5 -13.21 -1.13 15.26
N SER A 6 -13.22 0.20 15.35
CA SER A 6 -12.16 1.02 14.76
C SER A 6 -11.20 1.52 15.84
N GLY A 7 -10.20 0.70 16.16
CA GLY A 7 -9.23 1.08 17.17
C GLY A 7 -8.01 0.17 17.17
N THR A 8 -7.38 0.03 16.02
CA THR A 8 -6.20 -0.82 15.89
C THR A 8 -5.28 -0.33 14.77
N GLY A 9 -4.13 0.21 15.16
CA GLY A 9 -3.19 0.71 14.16
C GLY A 9 -3.67 1.97 13.48
N GLU A 10 -2.80 2.96 13.40
CA GLU A 10 -3.14 4.23 12.77
C GLU A 10 -2.09 4.62 11.72
N LYS A 11 -2.41 4.37 10.45
CA LYS A 11 -1.50 4.70 9.36
C LYS A 11 -2.13 5.74 8.44
N PRO A 12 -1.28 6.64 7.91
CA PRO A 12 -1.72 7.70 7.00
C PRO A 12 -2.14 7.15 5.63
N TYR A 13 -1.28 6.34 5.05
CA TYR A 13 -1.56 5.75 3.74
C TYR A 13 -1.59 4.23 3.82
N LYS A 14 -2.08 3.59 2.76
CA LYS A 14 -2.16 2.14 2.71
C LYS A 14 -2.48 1.66 1.30
N CYS A 15 -1.64 0.77 0.77
CA CYS A 15 -1.82 0.24 -0.57
C CYS A 15 -3.02 -0.71 -0.61
N ASN A 16 -3.67 -0.78 -1.77
CA ASN A 16 -4.83 -1.66 -1.94
C ASN A 16 -4.47 -2.88 -2.78
N GLU A 17 -3.27 -2.86 -3.36
CA GLU A 17 -2.81 -3.97 -4.18
C GLU A 17 -2.15 -5.05 -3.33
N CYS A 18 -1.32 -4.63 -2.40
CA CYS A 18 -0.62 -5.56 -1.51
C CYS A 18 -0.99 -5.30 -0.05
N GLY A 19 -0.96 -4.03 0.34
CA GLY A 19 -1.29 -3.67 1.72
C GLY A 19 -0.13 -3.01 2.43
N LYS A 20 0.75 -2.38 1.67
CA LYS A 20 1.91 -1.70 2.25
C LYS A 20 1.54 -0.28 2.68
N ALA A 21 1.67 -0.01 3.96
CA ALA A 21 1.37 1.31 4.50
C ALA A 21 2.62 2.16 4.64
N PHE A 22 2.58 3.37 4.10
CA PHE A 22 3.71 4.28 4.16
C PHE A 22 3.46 5.42 5.14
N ARG A 23 4.39 6.36 5.21
CA ARG A 23 4.26 7.50 6.11
C ARG A 23 3.97 8.78 5.32
N ALA A 24 4.48 8.84 4.09
CA ALA A 24 4.27 10.00 3.24
C ALA A 24 3.70 9.60 1.89
N ARG A 25 3.11 10.56 1.19
CA ARG A 25 2.51 10.30 -0.12
C ARG A 25 3.57 9.83 -1.10
N SER A 26 4.63 10.62 -1.26
CA SER A 26 5.72 10.27 -2.18
C SER A 26 6.14 8.82 -2.00
N SER A 27 6.15 8.36 -0.75
CA SER A 27 6.53 6.99 -0.44
C SER A 27 5.53 6.00 -1.04
N LEU A 28 4.26 6.36 -1.01
CA LEU A 28 3.20 5.51 -1.55
C LEU A 28 3.20 5.54 -3.07
N ALA A 29 3.45 6.70 -3.64
CA ALA A 29 3.47 6.86 -5.09
C ALA A 29 4.55 5.97 -5.71
N ILE A 30 5.80 6.25 -5.39
CA ILE A 30 6.92 5.47 -5.91
C ILE A 30 6.58 3.98 -5.98
N HIS A 31 5.88 3.50 -4.96
CA HIS A 31 5.48 2.10 -4.89
C HIS A 31 4.33 1.82 -5.85
N GLN A 32 3.30 2.64 -5.78
CA GLN A 32 2.13 2.48 -6.66
C GLN A 32 2.55 2.30 -8.11
N ALA A 33 3.78 2.71 -8.41
CA ALA A 33 4.32 2.59 -9.77
C ALA A 33 4.80 1.17 -10.05
N THR A 34 4.43 0.24 -9.18
CA THR A 34 4.83 -1.15 -9.33
C THR A 34 3.62 -2.05 -9.59
N HIS A 35 2.46 -1.61 -9.13
CA HIS A 35 1.23 -2.38 -9.33
C HIS A 35 0.56 -2.01 -10.64
N SER A 36 0.07 -0.77 -10.73
CA SER A 36 -0.59 -0.29 -11.93
C SER A 36 0.43 0.18 -12.97
N GLY A 37 0.00 0.22 -14.23
CA GLY A 37 0.88 0.65 -15.29
C GLY A 37 1.04 -0.40 -16.38
N GLU A 38 1.84 -0.08 -17.39
CA GLU A 38 2.06 -1.01 -18.50
C GLU A 38 2.61 -2.34 -17.98
N LYS A 39 1.86 -3.41 -18.22
CA LYS A 39 2.26 -4.74 -17.80
C LYS A 39 2.49 -5.66 -18.99
N PRO A 40 3.55 -5.37 -19.76
CA PRO A 40 3.91 -6.15 -20.95
C PRO A 40 4.43 -7.54 -20.59
N SER A 41 3.87 -8.56 -21.22
CA SER A 41 4.27 -9.94 -20.97
C SER A 41 5.79 -10.05 -20.89
N GLY A 42 6.29 -10.50 -19.73
CA GLY A 42 7.71 -10.64 -19.54
C GLY A 42 8.06 -11.38 -18.26
N PRO A 43 8.01 -12.72 -18.32
CA PRO A 43 8.32 -13.58 -17.17
C PRO A 43 9.80 -13.55 -16.80
N SER A 44 10.56 -12.73 -17.52
CA SER A 44 12.00 -12.62 -17.28
C SER A 44 12.31 -12.74 -15.79
N SER A 45 13.46 -13.32 -15.47
CA SER A 45 13.87 -13.49 -14.08
C SER A 45 15.39 -13.55 -13.97
N GLY A 46 15.97 -12.51 -13.39
CA GLY A 46 17.41 -12.46 -13.23
C GLY A 46 18.00 -11.11 -13.62
ZN ZN B . 1.24 -2.38 -3.12
N GLY A 1 -16.74 -5.77 24.96
CA GLY A 1 -15.30 -5.94 24.97
C GLY A 1 -14.60 -4.95 24.07
N SER A 2 -14.18 -3.82 24.64
CA SER A 2 -13.49 -2.79 23.88
C SER A 2 -12.14 -2.46 24.49
N SER A 3 -11.07 -2.82 23.79
CA SER A 3 -9.72 -2.57 24.26
C SER A 3 -9.58 -1.15 24.78
N GLY A 4 -9.87 -0.18 23.91
CA GLY A 4 -9.78 1.22 24.30
C GLY A 4 -9.22 2.08 23.19
N SER A 5 -9.85 2.02 22.02
CA SER A 5 -9.41 2.81 20.87
C SER A 5 -7.88 2.79 20.76
N SER A 6 -7.29 1.62 20.97
CA SER A 6 -5.85 1.47 20.90
C SER A 6 -5.29 2.18 19.66
N GLY A 7 -3.98 2.38 19.65
CA GLY A 7 -3.34 3.04 18.52
C GLY A 7 -1.97 2.46 18.20
N THR A 8 -0.94 3.04 18.79
CA THR A 8 0.43 2.59 18.57
C THR A 8 0.63 2.15 17.12
N GLY A 9 0.11 2.94 16.18
CA GLY A 9 0.24 2.61 14.79
C GLY A 9 -0.45 3.63 13.88
N GLU A 10 0.34 4.45 13.21
CA GLU A 10 -0.21 5.47 12.32
C GLU A 10 -0.08 5.03 10.86
N LYS A 11 -1.22 4.94 10.18
CA LYS A 11 -1.26 4.53 8.78
C LYS A 11 -2.15 5.46 7.96
N PRO A 12 -1.60 6.63 7.58
CA PRO A 12 -2.33 7.62 6.79
C PRO A 12 -2.58 7.15 5.36
N TYR A 13 -1.63 6.39 4.82
CA TYR A 13 -1.75 5.89 3.46
C TYR A 13 -1.56 4.37 3.43
N LYS A 14 -2.26 3.71 2.50
CA LYS A 14 -2.16 2.27 2.36
C LYS A 14 -2.45 1.84 0.92
N CYS A 15 -1.88 0.70 0.52
CA CYS A 15 -2.06 0.19 -0.82
C CYS A 15 -3.23 -0.78 -0.89
N ASN A 16 -4.04 -0.67 -1.94
CA ASN A 16 -5.19 -1.55 -2.11
C ASN A 16 -4.83 -2.77 -2.96
N GLU A 17 -3.58 -2.84 -3.39
CA GLU A 17 -3.11 -3.94 -4.21
C GLU A 17 -2.54 -5.06 -3.34
N CYS A 18 -1.52 -4.74 -2.56
CA CYS A 18 -0.89 -5.71 -1.68
C CYS A 18 -1.26 -5.46 -0.22
N GLY A 19 -1.14 -4.22 0.21
CA GLY A 19 -1.47 -3.87 1.58
C GLY A 19 -0.30 -3.28 2.34
N LYS A 20 0.45 -2.40 1.67
CA LYS A 20 1.60 -1.76 2.28
C LYS A 20 1.23 -0.40 2.88
N ALA A 21 1.37 -0.28 4.19
CA ALA A 21 1.06 0.97 4.87
C ALA A 21 2.26 1.89 4.93
N PHE A 22 2.14 3.06 4.34
CA PHE A 22 3.23 4.04 4.33
C PHE A 22 2.97 5.16 5.33
N ARG A 23 3.92 6.08 5.44
CA ARG A 23 3.80 7.21 6.35
C ARG A 23 4.03 8.53 5.64
N ALA A 24 4.24 8.46 4.33
CA ALA A 24 4.48 9.65 3.52
C ALA A 24 3.66 9.60 2.23
N ARG A 25 3.08 10.74 1.86
CA ARG A 25 2.28 10.82 0.64
C ARG A 25 3.08 10.40 -0.58
N SER A 26 4.32 10.86 -0.65
CA SER A 26 5.20 10.53 -1.77
C SER A 26 5.79 9.13 -1.60
N SER A 27 5.46 8.49 -0.47
CA SER A 27 5.97 7.15 -0.19
C SER A 27 5.12 6.09 -0.89
N LEU A 28 3.83 6.36 -1.00
CA LEU A 28 2.91 5.42 -1.65
C LEU A 28 3.05 5.48 -3.16
N ALA A 29 3.35 6.67 -3.68
CA ALA A 29 3.53 6.86 -5.11
C ALA A 29 4.64 5.97 -5.66
N ILE A 30 5.84 6.16 -5.14
CA ILE A 30 6.99 5.37 -5.57
C ILE A 30 6.65 3.89 -5.65
N HIS A 31 5.75 3.45 -4.78
CA HIS A 31 5.33 2.06 -4.75
C HIS A 31 4.34 1.77 -5.87
N GLN A 32 3.30 2.59 -5.96
CA GLN A 32 2.28 2.42 -7.00
C GLN A 32 2.92 2.19 -8.36
N ALA A 33 4.19 2.60 -8.49
CA ALA A 33 4.91 2.44 -9.74
C ALA A 33 5.41 1.00 -9.92
N THR A 34 4.93 0.10 -9.05
CA THR A 34 5.33 -1.30 -9.10
C THR A 34 4.15 -2.18 -9.47
N HIS A 35 2.94 -1.70 -9.20
CA HIS A 35 1.73 -2.46 -9.51
C HIS A 35 1.25 -2.17 -10.93
N SER A 36 2.20 -1.98 -11.84
CA SER A 36 1.86 -1.70 -13.23
C SER A 36 0.96 -2.78 -13.81
N GLY A 37 -0.19 -2.37 -14.35
CA GLY A 37 -1.11 -3.32 -14.93
C GLY A 37 -1.80 -2.77 -16.17
N GLU A 38 -3.07 -3.11 -16.34
CA GLU A 38 -3.83 -2.66 -17.49
C GLU A 38 -5.32 -2.58 -17.17
N LYS A 39 -5.86 -1.37 -17.12
CA LYS A 39 -7.27 -1.17 -16.82
C LYS A 39 -8.04 -0.75 -18.07
N PRO A 40 -8.25 -1.72 -18.99
CA PRO A 40 -8.97 -1.47 -20.25
C PRO A 40 -10.46 -1.22 -20.02
N SER A 41 -10.94 -1.60 -18.83
CA SER A 41 -12.35 -1.41 -18.49
C SER A 41 -12.77 0.04 -18.69
N GLY A 42 -11.92 0.96 -18.25
CA GLY A 42 -12.23 2.37 -18.39
C GLY A 42 -10.99 3.22 -18.59
N PRO A 43 -10.50 3.26 -19.84
CA PRO A 43 -9.30 4.04 -20.18
C PRO A 43 -9.55 5.54 -20.13
N SER A 44 -10.81 5.93 -20.19
CA SER A 44 -11.19 7.34 -20.14
C SER A 44 -10.42 8.07 -19.05
N SER A 45 -10.21 9.37 -19.24
CA SER A 45 -9.49 10.17 -18.26
C SER A 45 -10.34 11.36 -17.81
N GLY A 46 -10.40 11.57 -16.50
CA GLY A 46 -11.17 12.68 -15.96
C GLY A 46 -11.83 12.33 -14.64
ZN ZN B . 0.90 -2.51 -3.36
N GLY A 1 -17.26 -3.76 21.05
CA GLY A 1 -18.34 -3.99 20.11
C GLY A 1 -17.99 -5.00 19.05
N SER A 2 -18.90 -5.92 18.76
CA SER A 2 -18.68 -6.95 17.76
C SER A 2 -17.94 -6.38 16.56
N SER A 3 -18.42 -5.24 16.06
CA SER A 3 -17.81 -4.59 14.90
C SER A 3 -16.30 -4.58 15.02
N GLY A 4 -15.61 -4.82 13.91
CA GLY A 4 -14.16 -4.83 13.91
C GLY A 4 -13.59 -6.22 13.72
N SER A 5 -12.70 -6.37 12.75
CA SER A 5 -12.08 -7.65 12.46
C SER A 5 -10.68 -7.73 13.05
N SER A 6 -9.91 -6.67 12.88
CA SER A 6 -8.55 -6.61 13.41
C SER A 6 -8.04 -5.18 13.43
N GLY A 7 -7.12 -4.90 14.36
CA GLY A 7 -6.56 -3.57 14.48
C GLY A 7 -5.65 -3.22 13.32
N THR A 8 -6.20 -2.56 12.31
CA THR A 8 -5.43 -2.17 11.14
C THR A 8 -5.70 -0.72 10.76
N GLY A 9 -4.80 -0.14 9.97
CA GLY A 9 -4.96 1.24 9.54
C GLY A 9 -4.28 2.21 10.49
N GLU A 10 -3.04 1.90 10.87
CA GLU A 10 -2.28 2.76 11.77
C GLU A 10 -1.34 3.67 10.99
N LYS A 11 -1.77 4.07 9.80
CA LYS A 11 -0.97 4.95 8.96
C LYS A 11 -1.85 5.85 8.11
N PRO A 12 -1.29 6.96 7.63
CA PRO A 12 -2.01 7.93 6.80
C PRO A 12 -2.31 7.37 5.41
N TYR A 13 -1.31 6.75 4.80
CA TYR A 13 -1.46 6.18 3.46
C TYR A 13 -1.23 4.67 3.49
N LYS A 14 -1.92 3.95 2.60
CA LYS A 14 -1.79 2.51 2.52
C LYS A 14 -2.19 2.00 1.13
N CYS A 15 -1.47 1.00 0.64
CA CYS A 15 -1.75 0.42 -0.67
C CYS A 15 -3.03 -0.41 -0.63
N ASN A 16 -3.64 -0.61 -1.79
CA ASN A 16 -4.86 -1.39 -1.90
C ASN A 16 -4.61 -2.70 -2.65
N GLU A 17 -3.41 -2.85 -3.18
CA GLU A 17 -3.04 -4.04 -3.93
C GLU A 17 -2.41 -5.09 -3.02
N CYS A 18 -1.48 -4.64 -2.18
CA CYS A 18 -0.79 -5.53 -1.25
C CYS A 18 -1.11 -5.15 0.20
N GLY A 19 -0.96 -3.87 0.51
CA GLY A 19 -1.24 -3.40 1.86
C GLY A 19 -0.06 -2.67 2.47
N LYS A 20 0.84 -2.18 1.61
CA LYS A 20 2.02 -1.46 2.08
C LYS A 20 1.63 -0.09 2.63
N ALA A 21 1.79 0.08 3.94
CA ALA A 21 1.46 1.34 4.60
C ALA A 21 2.69 2.21 4.75
N PHE A 22 2.57 3.47 4.34
CA PHE A 22 3.68 4.42 4.43
C PHE A 22 3.33 5.58 5.36
N ARG A 23 4.29 6.48 5.55
CA ARG A 23 4.07 7.64 6.40
C ARG A 23 3.88 8.91 5.58
N ALA A 24 4.23 8.83 4.30
CA ALA A 24 4.10 9.97 3.39
C ALA A 24 3.49 9.54 2.07
N ARG A 25 2.83 10.48 1.39
CA ARG A 25 2.20 10.19 0.10
C ARG A 25 3.24 9.72 -0.91
N SER A 26 4.29 10.53 -1.09
CA SER A 26 5.35 10.20 -2.04
C SER A 26 5.85 8.77 -1.84
N SER A 27 5.89 8.35 -0.58
CA SER A 27 6.35 7.01 -0.23
C SER A 27 5.39 5.95 -0.78
N LEU A 28 4.11 6.30 -0.86
CA LEU A 28 3.09 5.39 -1.36
C LEU A 28 3.12 5.33 -2.89
N ALA A 29 3.19 6.51 -3.51
CA ALA A 29 3.23 6.59 -4.97
C ALA A 29 4.38 5.77 -5.54
N ILE A 30 5.60 6.17 -5.20
CA ILE A 30 6.79 5.48 -5.68
C ILE A 30 6.55 3.97 -5.77
N HIS A 31 5.78 3.44 -4.80
CA HIS A 31 5.48 2.02 -4.78
C HIS A 31 4.35 1.69 -5.75
N GLN A 32 3.31 2.51 -5.75
CA GLN A 32 2.18 2.30 -6.64
C GLN A 32 2.63 2.14 -8.09
N ALA A 33 3.85 2.59 -8.37
CA ALA A 33 4.40 2.50 -9.72
C ALA A 33 4.92 1.10 -10.01
N THR A 34 4.61 0.16 -9.12
CA THR A 34 5.04 -1.22 -9.27
C THR A 34 3.86 -2.14 -9.57
N HIS A 35 2.67 -1.72 -9.13
CA HIS A 35 1.46 -2.51 -9.36
C HIS A 35 0.85 -2.21 -10.72
N SER A 36 1.71 -2.03 -11.72
CA SER A 36 1.26 -1.72 -13.07
C SER A 36 2.43 -1.74 -14.06
N GLY A 37 2.13 -1.50 -15.33
CA GLY A 37 3.16 -1.49 -16.34
C GLY A 37 2.65 -1.00 -17.68
N GLU A 38 3.57 -0.62 -18.56
CA GLU A 38 3.21 -0.12 -19.89
C GLU A 38 2.15 -1.02 -20.53
N LYS A 39 2.06 -2.26 -20.05
CA LYS A 39 1.09 -3.20 -20.57
C LYS A 39 0.16 -3.70 -19.47
N PRO A 40 -0.82 -2.87 -19.10
CA PRO A 40 -1.80 -3.20 -18.07
C PRO A 40 -2.77 -4.30 -18.50
N SER A 41 -3.35 -4.13 -19.67
CA SER A 41 -4.30 -5.11 -20.20
C SER A 41 -5.42 -5.37 -19.20
N GLY A 42 -5.91 -4.30 -18.57
CA GLY A 42 -6.98 -4.44 -17.60
C GLY A 42 -7.07 -3.24 -16.66
N PRO A 43 -7.74 -2.18 -17.13
CA PRO A 43 -7.92 -0.96 -16.35
C PRO A 43 -8.86 -1.15 -15.16
N SER A 44 -9.94 -1.88 -15.38
CA SER A 44 -10.93 -2.14 -14.34
C SER A 44 -11.17 -3.64 -14.18
N SER A 45 -10.29 -4.31 -13.46
CA SER A 45 -10.40 -5.73 -13.23
C SER A 45 -10.22 -6.08 -11.76
N GLY A 46 -11.32 -6.03 -11.01
CA GLY A 46 -11.27 -6.33 -9.59
C GLY A 46 -10.64 -5.22 -8.78
ZN ZN B . 1.08 -2.46 -3.15
N GLY A 1 5.76 -13.97 25.93
CA GLY A 1 5.75 -14.63 24.64
C GLY A 1 5.63 -13.65 23.48
N SER A 2 6.49 -12.64 23.48
CA SER A 2 6.47 -11.62 22.44
C SER A 2 7.74 -11.70 21.59
N SER A 3 7.57 -11.58 20.27
CA SER A 3 8.70 -11.63 19.35
C SER A 3 8.95 -10.28 18.70
N GLY A 4 9.77 -9.45 19.33
CA GLY A 4 10.06 -8.14 18.79
C GLY A 4 9.11 -7.07 19.32
N SER A 5 9.12 -5.91 18.67
CA SER A 5 8.26 -4.81 19.07
C SER A 5 7.36 -4.37 17.93
N SER A 6 6.07 -4.66 18.05
CA SER A 6 5.10 -4.31 17.03
C SER A 6 3.86 -3.67 17.65
N GLY A 7 3.36 -2.63 17.00
CA GLY A 7 2.18 -1.93 17.50
C GLY A 7 0.95 -2.22 16.67
N THR A 8 -0.18 -1.61 17.07
CA THR A 8 -1.43 -1.80 16.34
C THR A 8 -1.23 -1.67 14.84
N GLY A 9 -0.80 -0.50 14.40
CA GLY A 9 -0.58 -0.28 12.99
C GLY A 9 -1.61 0.66 12.37
N GLU A 10 -1.22 1.93 12.21
CA GLU A 10 -2.12 2.93 11.64
C GLU A 10 -1.33 3.99 10.88
N LYS A 11 -1.55 4.06 9.57
CA LYS A 11 -0.87 5.04 8.73
C LYS A 11 -1.86 5.82 7.88
N PRO A 12 -1.43 6.98 7.38
CA PRO A 12 -2.27 7.84 6.54
C PRO A 12 -2.52 7.24 5.17
N TYR A 13 -1.49 6.67 4.57
CA TYR A 13 -1.60 6.06 3.25
C TYR A 13 -1.43 4.55 3.34
N LYS A 14 -2.22 3.83 2.54
CA LYS A 14 -2.16 2.37 2.52
C LYS A 14 -2.51 1.83 1.14
N CYS A 15 -1.70 0.88 0.67
CA CYS A 15 -1.93 0.28 -0.64
C CYS A 15 -3.00 -0.80 -0.56
N ASN A 16 -4.10 -0.59 -1.28
CA ASN A 16 -5.20 -1.55 -1.29
C ASN A 16 -4.89 -2.71 -2.23
N GLU A 17 -3.73 -2.67 -2.86
CA GLU A 17 -3.31 -3.72 -3.79
C GLU A 17 -2.61 -4.85 -3.05
N CYS A 18 -1.56 -4.50 -2.31
CA CYS A 18 -0.80 -5.50 -1.55
C CYS A 18 -1.07 -5.36 -0.05
N GLY A 19 -1.02 -4.13 0.45
CA GLY A 19 -1.27 -3.89 1.85
C GLY A 19 -0.11 -3.18 2.53
N LYS A 20 0.66 -2.45 1.75
CA LYS A 20 1.81 -1.72 2.27
C LYS A 20 1.41 -0.29 2.65
N ALA A 21 1.59 0.06 3.91
CA ALA A 21 1.26 1.39 4.40
C ALA A 21 2.51 2.24 4.59
N PHE A 22 2.45 3.49 4.16
CA PHE A 22 3.58 4.41 4.27
C PHE A 22 3.25 5.56 5.21
N ARG A 23 4.23 6.42 5.46
CA ARG A 23 4.04 7.57 6.34
C ARG A 23 3.92 8.86 5.53
N ALA A 24 4.36 8.81 4.27
CA ALA A 24 4.31 9.97 3.40
C ALA A 24 3.63 9.64 2.08
N ARG A 25 2.96 10.63 1.49
CA ARG A 25 2.26 10.43 0.22
C ARG A 25 3.22 9.93 -0.85
N SER A 26 4.29 10.70 -1.10
CA SER A 26 5.27 10.34 -2.12
C SER A 26 5.78 8.92 -1.88
N SER A 27 5.91 8.55 -0.61
CA SER A 27 6.40 7.21 -0.26
C SER A 27 5.45 6.13 -0.77
N LEU A 28 4.18 6.48 -0.88
CA LEU A 28 3.16 5.54 -1.36
C LEU A 28 3.18 5.45 -2.89
N ALA A 29 3.25 6.62 -3.54
CA ALA A 29 3.27 6.67 -4.99
C ALA A 29 4.43 5.85 -5.55
N ILE A 30 5.65 6.22 -5.18
CA ILE A 30 6.84 5.52 -5.65
C ILE A 30 6.59 4.01 -5.72
N HIS A 31 5.87 3.49 -4.73
CA HIS A 31 5.56 2.07 -4.67
C HIS A 31 4.49 1.70 -5.69
N GLN A 32 3.44 2.54 -5.77
CA GLN A 32 2.35 2.30 -6.69
C GLN A 32 2.87 2.15 -8.12
N ALA A 33 4.10 2.57 -8.34
CA ALA A 33 4.72 2.49 -9.67
C ALA A 33 5.19 1.08 -9.96
N THR A 34 4.81 0.14 -9.09
CA THR A 34 5.20 -1.26 -9.26
C THR A 34 3.99 -2.12 -9.61
N HIS A 35 2.83 -1.73 -9.10
CA HIS A 35 1.60 -2.47 -9.35
C HIS A 35 1.11 -2.25 -10.78
N SER A 36 1.56 -3.09 -11.70
CA SER A 36 1.18 -2.99 -13.10
C SER A 36 0.29 -4.15 -13.52
N GLY A 37 -1.01 -4.02 -13.26
CA GLY A 37 -1.94 -5.06 -13.62
C GLY A 37 -2.35 -5.01 -15.08
N GLU A 38 -1.44 -5.45 -15.96
CA GLU A 38 -1.71 -5.45 -17.39
C GLU A 38 -2.24 -6.81 -17.84
N LYS A 39 -2.05 -7.83 -17.00
CA LYS A 39 -2.50 -9.17 -17.32
C LYS A 39 -3.35 -9.73 -16.18
N PRO A 40 -4.44 -9.03 -15.84
CA PRO A 40 -5.36 -9.44 -14.78
C PRO A 40 -6.16 -10.68 -15.15
N SER A 41 -5.62 -11.84 -14.85
CA SER A 41 -6.28 -13.10 -15.16
C SER A 41 -6.35 -14.00 -13.93
N GLY A 42 -5.19 -14.28 -13.34
CA GLY A 42 -5.14 -15.13 -12.16
C GLY A 42 -3.95 -14.81 -11.28
N PRO A 43 -4.01 -13.68 -10.56
CA PRO A 43 -2.94 -13.24 -9.66
C PRO A 43 -2.82 -14.13 -8.43
N SER A 44 -1.59 -14.40 -8.01
CA SER A 44 -1.34 -15.23 -6.84
C SER A 44 -0.94 -14.39 -5.64
N SER A 45 -0.06 -13.42 -5.87
CA SER A 45 0.40 -12.54 -4.80
C SER A 45 -0.59 -11.41 -4.56
N GLY A 46 -0.90 -10.66 -5.61
CA GLY A 46 -1.83 -9.56 -5.49
C GLY A 46 -1.41 -8.34 -6.29
ZN ZN B . 1.15 -2.19 -3.16
N GLY A 1 -18.02 4.36 26.95
CA GLY A 1 -17.24 4.22 25.73
C GLY A 1 -16.52 2.89 25.65
N SER A 2 -16.31 2.41 24.43
CA SER A 2 -15.63 1.13 24.21
C SER A 2 -14.20 1.36 23.72
N SER A 3 -13.26 1.31 24.66
CA SER A 3 -11.84 1.51 24.33
C SER A 3 -11.08 0.19 24.37
N GLY A 4 -10.68 -0.30 23.20
CA GLY A 4 -9.95 -1.55 23.13
C GLY A 4 -8.72 -1.45 22.25
N SER A 5 -7.59 -1.92 22.77
CA SER A 5 -6.34 -1.88 22.03
C SER A 5 -6.19 -3.11 21.13
N SER A 6 -7.23 -3.40 20.36
CA SER A 6 -7.22 -4.55 19.46
C SER A 6 -6.09 -4.43 18.44
N GLY A 7 -6.00 -3.28 17.80
CA GLY A 7 -4.96 -3.06 16.81
C GLY A 7 -4.27 -1.72 16.97
N THR A 8 -3.10 -1.74 17.60
CA THR A 8 -2.33 -0.51 17.83
C THR A 8 -1.50 -0.15 16.60
N GLY A 9 -1.30 1.14 16.39
CA GLY A 9 -0.52 1.60 15.25
C GLY A 9 -1.36 1.79 14.01
N GLU A 10 -1.47 3.03 13.54
CA GLU A 10 -2.25 3.33 12.36
C GLU A 10 -1.44 4.16 11.37
N LYS A 11 -1.63 3.89 10.08
CA LYS A 11 -0.92 4.61 9.03
C LYS A 11 -1.88 5.47 8.22
N PRO A 12 -1.39 6.66 7.80
CA PRO A 12 -2.19 7.60 7.02
C PRO A 12 -2.46 7.10 5.60
N TYR A 13 -1.43 6.51 4.99
CA TYR A 13 -1.56 5.98 3.63
C TYR A 13 -1.37 4.47 3.61
N LYS A 14 -2.30 3.78 2.96
CA LYS A 14 -2.24 2.32 2.87
C LYS A 14 -2.68 1.85 1.49
N CYS A 15 -1.94 0.89 0.94
CA CYS A 15 -2.25 0.34 -0.38
C CYS A 15 -3.27 -0.78 -0.28
N ASN A 16 -4.40 -0.61 -0.96
CA ASN A 16 -5.46 -1.62 -0.95
C ASN A 16 -5.27 -2.63 -2.08
N GLU A 17 -4.05 -2.69 -2.60
CA GLU A 17 -3.74 -3.62 -3.69
C GLU A 17 -2.87 -4.76 -3.20
N CYS A 18 -1.80 -4.42 -2.49
CA CYS A 18 -0.87 -5.42 -1.97
C CYS A 18 -0.97 -5.49 -0.44
N GLY A 19 -1.02 -4.32 0.20
CA GLY A 19 -1.11 -4.28 1.65
C GLY A 19 0.08 -3.59 2.28
N LYS A 20 0.53 -2.50 1.67
CA LYS A 20 1.67 -1.76 2.18
C LYS A 20 1.21 -0.49 2.91
N ALA A 21 2.07 0.03 3.78
CA ALA A 21 1.75 1.24 4.52
C ALA A 21 2.88 2.26 4.43
N PHE A 22 2.52 3.50 4.11
CA PHE A 22 3.51 4.57 3.98
C PHE A 22 3.18 5.73 4.92
N ARG A 23 4.15 6.62 5.11
CA ARG A 23 3.96 7.77 5.99
C ARG A 23 3.42 8.97 5.21
N ALA A 24 3.76 9.04 3.93
CA ALA A 24 3.30 10.13 3.08
C ALA A 24 3.01 9.64 1.67
N ARG A 25 2.57 10.54 0.81
CA ARG A 25 2.25 10.20 -0.57
C ARG A 25 3.51 9.80 -1.34
N SER A 26 4.50 10.69 -1.35
CA SER A 26 5.76 10.42 -2.04
C SER A 26 6.21 8.98 -1.82
N SER A 27 6.04 8.49 -0.59
CA SER A 27 6.43 7.14 -0.25
C SER A 27 5.48 6.12 -0.87
N LEU A 28 4.22 6.51 -1.01
CA LEU A 28 3.21 5.63 -1.59
C LEU A 28 3.37 5.54 -3.10
N ALA A 29 3.67 6.67 -3.74
CA ALA A 29 3.88 6.71 -5.18
C ALA A 29 4.97 5.74 -5.62
N ILE A 30 6.17 5.95 -5.09
CA ILE A 30 7.31 5.09 -5.43
C ILE A 30 6.88 3.63 -5.57
N HIS A 31 5.95 3.21 -4.71
CA HIS A 31 5.45 1.84 -4.74
C HIS A 31 4.38 1.68 -5.83
N GLN A 32 3.49 2.66 -5.92
CA GLN A 32 2.42 2.62 -6.91
C GLN A 32 2.98 2.45 -8.32
N ALA A 33 4.27 2.75 -8.47
CA ALA A 33 4.93 2.63 -9.77
C ALA A 33 5.35 1.19 -10.03
N THR A 34 4.91 0.28 -9.17
CA THR A 34 5.24 -1.13 -9.33
C THR A 34 4.02 -1.94 -9.71
N HIS A 35 2.85 -1.53 -9.23
CA HIS A 35 1.60 -2.21 -9.53
C HIS A 35 1.28 -2.11 -11.02
N SER A 36 1.97 -2.89 -11.84
CA SER A 36 1.76 -2.87 -13.28
C SER A 36 0.45 -3.56 -13.64
N GLY A 37 -0.60 -2.77 -13.83
CA GLY A 37 -1.90 -3.32 -14.17
C GLY A 37 -1.85 -4.17 -15.42
N GLU A 38 -1.36 -3.59 -16.52
CA GLU A 38 -1.26 -4.29 -17.79
C GLU A 38 -0.31 -5.48 -17.68
N LYS A 39 -0.86 -6.68 -17.74
CA LYS A 39 -0.06 -7.90 -17.65
C LYS A 39 -0.14 -8.70 -18.94
N PRO A 40 0.48 -8.18 -20.01
CA PRO A 40 0.50 -8.83 -21.32
C PRO A 40 1.34 -10.10 -21.33
N SER A 41 1.36 -10.79 -22.47
CA SER A 41 2.12 -12.02 -22.60
C SER A 41 3.59 -11.72 -22.88
N GLY A 42 4.46 -12.64 -22.45
CA GLY A 42 5.88 -12.46 -22.65
C GLY A 42 6.70 -12.77 -21.41
N PRO A 43 6.98 -14.05 -21.19
CA PRO A 43 7.75 -14.52 -20.03
C PRO A 43 9.21 -14.10 -20.11
N SER A 44 9.87 -14.00 -18.96
CA SER A 44 11.27 -13.63 -18.90
C SER A 44 12.17 -14.83 -19.09
N SER A 45 13.40 -14.59 -19.52
CA SER A 45 14.37 -15.66 -19.75
C SER A 45 14.92 -16.18 -18.43
N GLY A 46 15.50 -15.28 -17.64
CA GLY A 46 16.06 -15.66 -16.35
C GLY A 46 15.10 -16.47 -15.52
ZN ZN B . 0.50 -2.00 -3.35
N GLY A 1 -13.54 -13.93 25.55
CA GLY A 1 -12.09 -13.85 25.59
C GLY A 1 -11.58 -12.45 25.28
N SER A 2 -11.09 -11.77 26.33
CA SER A 2 -10.58 -10.41 26.17
C SER A 2 -9.06 -10.41 26.12
N SER A 3 -8.51 -9.80 25.07
CA SER A 3 -7.06 -9.74 24.90
C SER A 3 -6.61 -8.30 24.68
N GLY A 4 -7.31 -7.60 23.80
CA GLY A 4 -6.96 -6.21 23.51
C GLY A 4 -6.77 -5.96 22.02
N SER A 5 -7.14 -4.77 21.58
CA SER A 5 -7.01 -4.41 20.17
C SER A 5 -5.54 -4.42 19.74
N SER A 6 -5.17 -5.43 18.95
CA SER A 6 -3.80 -5.56 18.47
C SER A 6 -3.48 -4.49 17.43
N GLY A 7 -4.28 -4.45 16.37
CA GLY A 7 -4.06 -3.47 15.32
C GLY A 7 -4.51 -2.07 15.72
N THR A 8 -4.66 -1.19 14.75
CA THR A 8 -5.07 0.18 15.00
C THR A 8 -5.73 0.80 13.78
N GLY A 9 -6.68 1.70 14.01
CA GLY A 9 -7.37 2.35 12.90
C GLY A 9 -6.80 3.72 12.60
N GLU A 10 -5.48 3.80 12.49
CA GLU A 10 -4.82 5.06 12.20
C GLU A 10 -3.56 4.84 11.36
N LYS A 11 -3.55 5.40 10.15
CA LYS A 11 -2.41 5.27 9.26
C LYS A 11 -2.41 6.39 8.22
N PRO A 12 -1.21 6.90 7.91
CA PRO A 12 -1.03 7.97 6.93
C PRO A 12 -1.32 7.52 5.50
N TYR A 13 -0.69 6.41 5.11
CA TYR A 13 -0.87 5.87 3.77
C TYR A 13 -0.76 4.35 3.77
N LYS A 14 -1.56 3.70 2.94
CA LYS A 14 -1.55 2.25 2.84
C LYS A 14 -2.04 1.78 1.47
N CYS A 15 -1.37 0.77 0.92
CA CYS A 15 -1.74 0.24 -0.39
C CYS A 15 -2.81 -0.83 -0.24
N ASN A 16 -3.99 -0.56 -0.80
CA ASN A 16 -5.10 -1.50 -0.74
C ASN A 16 -5.06 -2.46 -1.94
N GLU A 17 -3.87 -2.86 -2.32
CA GLU A 17 -3.70 -3.78 -3.44
C GLU A 17 -2.80 -4.95 -3.06
N CYS A 18 -1.75 -4.66 -2.31
CA CYS A 18 -0.81 -5.69 -1.87
C CYS A 18 -0.72 -5.74 -0.35
N GLY A 19 -0.58 -4.57 0.26
CA GLY A 19 -0.48 -4.49 1.70
C GLY A 19 0.75 -3.74 2.17
N LYS A 20 1.16 -2.75 1.39
CA LYS A 20 2.34 -1.95 1.72
C LYS A 20 1.93 -0.63 2.36
N ALA A 21 2.40 -0.39 3.59
CA ALA A 21 2.09 0.84 4.30
C ALA A 21 3.30 1.77 4.36
N PHE A 22 3.05 3.06 4.15
CA PHE A 22 4.12 4.05 4.17
C PHE A 22 3.83 5.14 5.18
N ARG A 23 4.71 6.14 5.24
CA ARG A 23 4.54 7.25 6.18
C ARG A 23 4.02 8.49 5.46
N ALA A 24 4.43 8.66 4.20
CA ALA A 24 4.00 9.80 3.41
C ALA A 24 3.51 9.36 2.03
N ARG A 25 2.81 10.25 1.34
CA ARG A 25 2.27 9.96 0.01
C ARG A 25 3.41 9.63 -0.95
N SER A 26 4.33 10.56 -1.12
CA SER A 26 5.46 10.37 -2.02
C SER A 26 6.02 8.96 -1.91
N SER A 27 6.15 8.48 -0.67
CA SER A 27 6.68 7.14 -0.43
C SER A 27 5.77 6.08 -1.05
N LEU A 28 4.47 6.23 -0.85
CA LEU A 28 3.50 5.29 -1.38
C LEU A 28 3.48 5.34 -2.91
N ALA A 29 3.47 6.55 -3.46
CA ALA A 29 3.46 6.72 -4.90
C ALA A 29 4.54 5.89 -5.57
N ILE A 30 5.78 6.10 -5.15
CA ILE A 30 6.92 5.36 -5.71
C ILE A 30 6.56 3.90 -5.92
N HIS A 31 5.86 3.31 -4.97
CA HIS A 31 5.45 1.92 -5.06
C HIS A 31 4.29 1.75 -6.05
N GLN A 32 3.29 2.60 -5.92
CA GLN A 32 2.12 2.54 -6.80
C GLN A 32 2.55 2.46 -8.26
N ALA A 33 3.79 2.86 -8.53
CA ALA A 33 4.32 2.82 -9.89
C ALA A 33 4.77 1.41 -10.27
N THR A 34 4.39 0.44 -9.45
CA THR A 34 4.75 -0.95 -9.70
C THR A 34 3.52 -1.80 -10.02
N HIS A 35 2.35 -1.32 -9.59
CA HIS A 35 1.10 -2.02 -9.83
C HIS A 35 0.55 -1.69 -11.21
N SER A 36 1.09 -2.35 -12.22
CA SER A 36 0.66 -2.13 -13.60
C SER A 36 -0.43 -3.13 -14.00
N GLY A 37 -1.69 -2.76 -13.75
CA GLY A 37 -2.80 -3.63 -14.08
C GLY A 37 -2.46 -5.10 -13.89
N GLU A 38 -2.60 -5.88 -14.97
CA GLU A 38 -2.31 -7.30 -14.92
C GLU A 38 -1.66 -7.78 -16.22
N LYS A 39 -0.44 -8.28 -16.12
CA LYS A 39 0.28 -8.77 -17.29
C LYS A 39 0.54 -10.27 -17.18
N PRO A 40 -0.52 -11.07 -17.31
CA PRO A 40 -0.42 -12.53 -17.23
C PRO A 40 0.29 -13.13 -18.43
N SER A 41 0.50 -14.45 -18.39
CA SER A 41 1.18 -15.15 -19.48
C SER A 41 0.18 -15.81 -20.42
N GLY A 42 0.18 -15.38 -21.67
CA GLY A 42 -0.73 -15.94 -22.66
C GLY A 42 -0.20 -15.87 -24.07
N PRO A 43 0.64 -16.84 -24.44
CA PRO A 43 1.24 -16.89 -25.78
C PRO A 43 0.22 -17.21 -26.87
N SER A 44 -1.02 -17.43 -26.45
CA SER A 44 -2.10 -17.75 -27.39
C SER A 44 -1.96 -16.94 -28.67
N SER A 45 -2.03 -15.62 -28.54
CA SER A 45 -1.91 -14.73 -29.69
C SER A 45 -0.82 -13.68 -29.46
N GLY A 46 -0.44 -12.99 -30.53
CA GLY A 46 0.59 -11.97 -30.43
C GLY A 46 0.07 -10.59 -30.74
ZN ZN B . 0.94 -2.26 -3.47
N GLY A 1 -10.03 -18.30 14.96
CA GLY A 1 -11.18 -17.60 15.51
C GLY A 1 -10.92 -17.09 16.90
N SER A 2 -11.06 -17.96 17.90
CA SER A 2 -10.85 -17.59 19.29
C SER A 2 -9.43 -17.07 19.50
N SER A 3 -9.25 -15.77 19.30
CA SER A 3 -7.93 -15.15 19.47
C SER A 3 -8.05 -13.63 19.52
N GLY A 4 -6.96 -12.97 19.89
CA GLY A 4 -6.96 -11.52 19.98
C GLY A 4 -6.59 -10.86 18.67
N SER A 5 -7.34 -9.82 18.30
CA SER A 5 -7.08 -9.10 17.06
C SER A 5 -7.59 -7.67 17.15
N SER A 6 -6.90 -6.76 16.46
CA SER A 6 -7.28 -5.36 16.47
C SER A 6 -7.82 -4.93 15.10
N GLY A 7 -8.74 -3.98 15.10
CA GLY A 7 -9.32 -3.50 13.86
C GLY A 7 -9.07 -2.03 13.63
N THR A 8 -9.18 -1.23 14.70
CA THR A 8 -8.97 0.20 14.61
C THR A 8 -7.48 0.54 14.68
N GLY A 9 -6.79 0.40 13.56
CA GLY A 9 -5.37 0.70 13.51
C GLY A 9 -5.10 2.17 13.26
N GLU A 10 -3.86 2.48 12.92
CA GLU A 10 -3.47 3.86 12.64
C GLU A 10 -2.34 3.92 11.63
N LYS A 11 -2.51 4.74 10.60
CA LYS A 11 -1.51 4.89 9.54
C LYS A 11 -1.85 6.06 8.63
N PRO A 12 -0.82 6.78 8.17
CA PRO A 12 -0.98 7.93 7.28
C PRO A 12 -1.45 7.52 5.88
N TYR A 13 -0.80 6.51 5.32
CA TYR A 13 -1.14 6.02 3.99
C TYR A 13 -1.07 4.50 3.93
N LYS A 14 -1.76 3.92 2.96
CA LYS A 14 -1.77 2.47 2.79
C LYS A 14 -2.10 2.10 1.34
N CYS A 15 -1.53 0.98 0.88
CA CYS A 15 -1.77 0.51 -0.48
C CYS A 15 -3.03 -0.35 -0.55
N ASN A 16 -3.55 -0.52 -1.75
CA ASN A 16 -4.76 -1.31 -1.96
C ASN A 16 -4.43 -2.60 -2.72
N GLU A 17 -3.32 -2.58 -3.45
CA GLU A 17 -2.90 -3.74 -4.22
C GLU A 17 -2.31 -4.82 -3.30
N CYS A 18 -1.43 -4.41 -2.41
CA CYS A 18 -0.79 -5.34 -1.47
C CYS A 18 -1.20 -5.04 -0.04
N GLY A 19 -1.36 -3.75 0.27
CA GLY A 19 -1.75 -3.35 1.60
C GLY A 19 -0.58 -2.82 2.41
N LYS A 20 0.43 -2.30 1.72
CA LYS A 20 1.61 -1.76 2.38
C LYS A 20 1.29 -0.46 3.10
N ALA A 21 1.97 -0.21 4.21
CA ALA A 21 1.76 1.00 4.99
C ALA A 21 2.99 1.91 4.93
N PHE A 22 2.82 3.09 4.35
CA PHE A 22 3.91 4.05 4.24
C PHE A 22 3.76 5.18 5.26
N ARG A 23 4.64 6.17 5.18
CA ARG A 23 4.60 7.30 6.10
C ARG A 23 4.10 8.55 5.39
N ALA A 24 4.30 8.62 4.08
CA ALA A 24 3.88 9.76 3.29
C ALA A 24 3.34 9.32 1.94
N ARG A 25 2.69 10.24 1.23
CA ARG A 25 2.12 9.94 -0.08
C ARG A 25 3.23 9.64 -1.09
N SER A 26 4.15 10.59 -1.26
CA SER A 26 5.26 10.42 -2.19
C SER A 26 5.83 9.01 -2.11
N SER A 27 5.72 8.40 -0.93
CA SER A 27 6.24 7.05 -0.72
C SER A 27 5.29 6.01 -1.31
N LEU A 28 4.00 6.24 -1.14
CA LEU A 28 2.99 5.33 -1.66
C LEU A 28 2.91 5.40 -3.18
N ALA A 29 3.09 6.60 -3.71
CA ALA A 29 3.04 6.81 -5.16
C ALA A 29 4.15 6.02 -5.86
N ILE A 30 5.40 6.31 -5.51
CA ILE A 30 6.53 5.64 -6.10
C ILE A 30 6.32 4.12 -6.14
N HIS A 31 5.72 3.60 -5.08
CA HIS A 31 5.46 2.17 -4.99
C HIS A 31 4.36 1.75 -5.97
N GLN A 32 3.22 2.43 -5.90
CA GLN A 32 2.10 2.14 -6.79
C GLN A 32 2.56 2.04 -8.24
N ALA A 33 3.73 2.61 -8.52
CA ALA A 33 4.28 2.60 -9.87
C ALA A 33 5.01 1.28 -10.14
N THR A 34 4.79 0.30 -9.29
CA THR A 34 5.43 -1.00 -9.44
C THR A 34 4.40 -2.09 -9.74
N HIS A 35 3.18 -1.90 -9.24
CA HIS A 35 2.10 -2.86 -9.45
C HIS A 35 1.73 -2.94 -10.93
N SER A 36 1.53 -1.78 -11.55
CA SER A 36 1.15 -1.72 -12.96
C SER A 36 2.19 -2.43 -13.82
N GLY A 37 1.72 -3.34 -14.67
CA GLY A 37 2.62 -4.08 -15.54
C GLY A 37 1.92 -5.18 -16.30
N GLU A 38 2.47 -6.39 -16.25
CA GLU A 38 1.88 -7.53 -16.94
C GLU A 38 1.31 -8.53 -15.95
N LYS A 39 1.77 -8.46 -14.72
CA LYS A 39 1.29 -9.35 -13.67
C LYS A 39 0.85 -8.58 -12.44
N PRO A 40 -0.36 -7.98 -12.52
CA PRO A 40 -0.92 -7.20 -11.42
C PRO A 40 -1.32 -8.06 -10.23
N SER A 41 -0.36 -8.34 -9.37
CA SER A 41 -0.61 -9.17 -8.19
C SER A 41 -1.49 -8.42 -7.18
N GLY A 42 -2.33 -9.18 -6.47
CA GLY A 42 -3.21 -8.57 -5.49
C GLY A 42 -3.64 -9.55 -4.41
N PRO A 43 -2.77 -9.77 -3.41
CA PRO A 43 -3.04 -10.69 -2.31
C PRO A 43 -4.14 -10.17 -1.38
N SER A 44 -4.38 -10.91 -0.30
CA SER A 44 -5.41 -10.52 0.66
C SER A 44 -4.99 -9.28 1.44
N SER A 45 -5.97 -8.55 1.95
CA SER A 45 -5.70 -7.34 2.71
C SER A 45 -6.43 -7.36 4.06
N GLY A 46 -6.15 -6.36 4.89
CA GLY A 46 -6.77 -6.29 6.20
C GLY A 46 -6.26 -7.35 7.15
ZN ZN B . 1.01 -2.17 -3.14
N GLY A 1 -19.81 14.44 16.24
CA GLY A 1 -18.62 14.01 15.53
C GLY A 1 -17.35 14.24 16.33
N SER A 2 -17.39 13.87 17.61
CA SER A 2 -16.24 14.04 18.48
C SER A 2 -15.58 12.70 18.78
N SER A 3 -14.42 12.47 18.20
CA SER A 3 -13.69 11.23 18.39
C SER A 3 -12.59 11.39 19.45
N GLY A 4 -11.69 12.34 19.21
CA GLY A 4 -10.60 12.58 20.15
C GLY A 4 -9.33 11.87 19.76
N SER A 5 -8.38 12.61 19.20
CA SER A 5 -7.11 12.04 18.78
C SER A 5 -5.98 13.07 18.90
N SER A 6 -4.77 12.59 19.10
CA SER A 6 -3.60 13.47 19.22
C SER A 6 -2.87 13.59 17.89
N GLY A 7 -3.63 13.75 16.81
CA GLY A 7 -3.04 13.88 15.49
C GLY A 7 -2.45 12.58 14.99
N THR A 8 -3.31 11.63 14.65
CA THR A 8 -2.87 10.33 14.16
C THR A 8 -1.94 10.49 12.97
N GLY A 9 -0.72 9.98 13.10
CA GLY A 9 0.24 10.07 12.03
C GLY A 9 1.02 8.79 11.83
N GLU A 10 0.32 7.65 11.88
CA GLU A 10 0.94 6.35 11.71
C GLU A 10 0.17 5.50 10.70
N LYS A 11 0.87 5.04 9.67
CA LYS A 11 0.25 4.22 8.64
C LYS A 11 -1.08 4.81 8.20
N PRO A 12 -1.08 6.10 7.86
CA PRO A 12 -2.29 6.81 7.41
C PRO A 12 -2.76 6.34 6.04
N TYR A 13 -1.82 5.94 5.20
CA TYR A 13 -2.14 5.47 3.86
C TYR A 13 -1.99 3.95 3.76
N LYS A 14 -2.50 3.39 2.67
CA LYS A 14 -2.42 1.94 2.45
C LYS A 14 -2.66 1.60 0.98
N CYS A 15 -1.90 0.65 0.47
CA CYS A 15 -2.02 0.23 -0.92
C CYS A 15 -3.17 -0.76 -1.08
N ASN A 16 -4.19 -0.36 -1.84
CA ASN A 16 -5.36 -1.20 -2.07
C ASN A 16 -5.01 -2.35 -3.01
N GLU A 17 -3.76 -2.37 -3.48
CA GLU A 17 -3.30 -3.42 -4.39
C GLU A 17 -2.72 -4.59 -3.61
N CYS A 18 -1.70 -4.31 -2.81
CA CYS A 18 -1.05 -5.35 -2.01
C CYS A 18 -1.44 -5.22 -0.54
N GLY A 19 -1.46 -3.99 -0.04
CA GLY A 19 -1.82 -3.76 1.35
C GLY A 19 -0.69 -3.13 2.13
N LYS A 20 0.22 -2.47 1.43
CA LYS A 20 1.36 -1.83 2.07
C LYS A 20 0.96 -0.45 2.62
N ALA A 21 1.21 -0.25 3.91
CA ALA A 21 0.88 1.02 4.55
C ALA A 21 2.11 1.90 4.71
N PHE A 22 2.06 3.11 4.15
CA PHE A 22 3.17 4.03 4.22
C PHE A 22 2.90 5.13 5.25
N ARG A 23 3.81 6.10 5.33
CA ARG A 23 3.67 7.20 6.27
C ARG A 23 3.16 8.46 5.57
N ALA A 24 3.54 8.62 4.31
CA ALA A 24 3.12 9.77 3.52
C ALA A 24 2.78 9.36 2.09
N ARG A 25 2.31 10.33 1.30
CA ARG A 25 1.95 10.08 -0.08
C ARG A 25 3.17 9.65 -0.90
N SER A 26 4.13 10.56 -1.04
CA SER A 26 5.35 10.28 -1.80
C SER A 26 5.80 8.84 -1.57
N SER A 27 5.86 8.44 -0.31
CA SER A 27 6.29 7.08 0.03
C SER A 27 5.37 6.05 -0.61
N LEU A 28 4.07 6.31 -0.58
CA LEU A 28 3.08 5.41 -1.15
C LEU A 28 3.21 5.35 -2.67
N ALA A 29 3.30 6.52 -3.30
CA ALA A 29 3.43 6.60 -4.75
C ALA A 29 4.62 5.79 -5.24
N ILE A 30 5.81 6.13 -4.75
CA ILE A 30 7.02 5.43 -5.14
C ILE A 30 6.76 3.95 -5.34
N HIS A 31 5.92 3.38 -4.49
CA HIS A 31 5.58 1.95 -4.57
C HIS A 31 4.56 1.72 -5.69
N GLN A 32 3.56 2.57 -5.76
CA GLN A 32 2.51 2.46 -6.77
C GLN A 32 3.11 2.27 -8.16
N ALA A 33 4.39 2.63 -8.29
CA ALA A 33 5.09 2.51 -9.56
C ALA A 33 5.57 1.09 -9.80
N THR A 34 5.09 0.16 -8.96
CA THR A 34 5.47 -1.24 -9.07
C THR A 34 4.29 -2.09 -9.54
N HIS A 35 3.09 -1.72 -9.13
CA HIS A 35 1.89 -2.44 -9.52
C HIS A 35 1.56 -2.22 -10.99
N SER A 36 1.82 -3.23 -11.82
CA SER A 36 1.56 -3.14 -13.25
C SER A 36 0.62 -4.25 -13.70
N GLY A 37 -0.68 -3.96 -13.67
CA GLY A 37 -1.67 -4.94 -14.07
C GLY A 37 -3.03 -4.32 -14.32
N GLU A 38 -3.84 -4.24 -13.27
CA GLU A 38 -5.17 -3.65 -13.37
C GLU A 38 -5.11 -2.13 -13.33
N LYS A 39 -4.14 -1.56 -14.03
CA LYS A 39 -3.98 -0.11 -14.08
C LYS A 39 -3.86 0.37 -15.51
N PRO A 40 -5.01 0.51 -16.19
CA PRO A 40 -5.06 0.97 -17.59
C PRO A 40 -4.70 2.44 -17.72
N SER A 41 -4.20 2.83 -18.90
CA SER A 41 -3.82 4.21 -19.15
C SER A 41 -5.05 5.08 -19.34
N GLY A 42 -5.45 5.78 -18.28
CA GLY A 42 -6.61 6.65 -18.35
C GLY A 42 -6.50 7.84 -17.41
N PRO A 43 -5.71 8.84 -17.80
CA PRO A 43 -5.50 10.05 -17.00
C PRO A 43 -6.74 10.93 -16.96
N SER A 44 -7.38 10.98 -15.79
CA SER A 44 -8.59 11.78 -15.62
C SER A 44 -8.24 13.21 -15.23
N SER A 45 -8.92 14.17 -15.85
CA SER A 45 -8.67 15.58 -15.56
C SER A 45 -8.88 15.89 -14.09
N GLY A 46 -8.08 16.80 -13.55
CA GLY A 46 -8.20 17.16 -12.15
C GLY A 46 -7.10 16.56 -11.30
ZN ZN B . 1.03 -2.26 -3.43
N GLY A 1 2.04 -3.94 22.79
CA GLY A 1 1.59 -2.78 22.04
C GLY A 1 2.71 -2.03 21.38
N SER A 2 2.68 -0.71 21.47
CA SER A 2 3.71 0.13 20.87
C SER A 2 4.23 1.17 21.87
N SER A 3 5.54 1.36 21.88
CA SER A 3 6.17 2.32 22.79
C SER A 3 7.24 3.12 22.07
N GLY A 4 7.46 4.35 22.53
CA GLY A 4 8.46 5.21 21.92
C GLY A 4 8.36 5.23 20.42
N SER A 5 7.14 5.35 19.90
CA SER A 5 6.91 5.38 18.46
C SER A 5 7.35 6.71 17.88
N SER A 6 8.66 6.83 17.62
CA SER A 6 9.21 8.06 17.06
C SER A 6 8.81 8.22 15.59
N GLY A 7 7.61 8.73 15.37
CA GLY A 7 7.13 8.93 14.01
C GLY A 7 7.12 7.64 13.21
N THR A 8 6.45 6.62 13.75
CA THR A 8 6.37 5.33 13.07
C THR A 8 5.30 5.34 11.99
N GLY A 9 4.15 5.94 12.30
CA GLY A 9 3.07 6.01 11.34
C GLY A 9 1.79 5.38 11.86
N GLU A 10 0.78 6.20 12.12
CA GLU A 10 -0.49 5.71 12.63
C GLU A 10 -1.38 5.24 11.48
N LYS A 11 -0.80 4.48 10.56
CA LYS A 11 -1.53 3.96 9.41
C LYS A 11 -2.14 5.10 8.60
N PRO A 12 -1.29 6.05 8.19
CA PRO A 12 -1.72 7.21 7.39
C PRO A 12 -2.10 6.82 5.97
N TYR A 13 -1.23 6.06 5.32
CA TYR A 13 -1.48 5.62 3.95
C TYR A 13 -1.50 4.10 3.86
N LYS A 14 -2.30 3.57 2.94
CA LYS A 14 -2.43 2.14 2.75
C LYS A 14 -2.83 1.82 1.32
N CYS A 15 -2.11 0.87 0.70
CA CYS A 15 -2.39 0.47 -0.66
C CYS A 15 -3.51 -0.58 -0.71
N ASN A 16 -4.63 -0.21 -1.31
CA ASN A 16 -5.77 -1.11 -1.43
C ASN A 16 -5.60 -2.06 -2.60
N GLU A 17 -4.37 -2.53 -2.81
CA GLU A 17 -4.08 -3.45 -3.91
C GLU A 17 -3.28 -4.64 -3.42
N CYS A 18 -2.23 -4.36 -2.66
CA CYS A 18 -1.36 -5.42 -2.12
C CYS A 18 -1.50 -5.51 -0.61
N GLY A 19 -1.37 -4.37 0.07
CA GLY A 19 -1.49 -4.34 1.51
C GLY A 19 -0.29 -3.68 2.17
N LYS A 20 0.24 -2.65 1.53
CA LYS A 20 1.40 -1.93 2.05
C LYS A 20 0.97 -0.62 2.70
N ALA A 21 1.69 -0.20 3.73
CA ALA A 21 1.38 1.03 4.44
C ALA A 21 2.62 1.93 4.52
N PHE A 22 2.48 3.16 4.04
CA PHE A 22 3.58 4.13 4.06
C PHE A 22 3.32 5.22 5.09
N ARG A 23 4.29 6.13 5.23
CA ARG A 23 4.17 7.22 6.18
C ARG A 23 3.56 8.46 5.52
N ALA A 24 3.93 8.69 4.26
CA ALA A 24 3.42 9.83 3.51
C ALA A 24 2.93 9.41 2.12
N ARG A 25 2.28 10.33 1.43
CA ARG A 25 1.77 10.05 0.10
C ARG A 25 2.91 9.81 -0.89
N SER A 26 3.80 10.79 -1.00
CA SER A 26 4.94 10.70 -1.91
C SER A 26 5.59 9.32 -1.80
N SER A 27 5.63 8.77 -0.59
CA SER A 27 6.22 7.47 -0.36
C SER A 27 5.38 6.36 -0.99
N LEU A 28 4.06 6.56 -1.00
CA LEU A 28 3.15 5.58 -1.58
C LEU A 28 3.29 5.52 -3.09
N ALA A 29 3.46 6.68 -3.70
CA ALA A 29 3.61 6.76 -5.16
C ALA A 29 4.75 5.87 -5.64
N ILE A 30 5.96 6.16 -5.19
CA ILE A 30 7.13 5.38 -5.57
C ILE A 30 6.78 3.90 -5.70
N HIS A 31 5.93 3.42 -4.80
CA HIS A 31 5.52 2.01 -4.81
C HIS A 31 4.60 1.74 -5.99
N GLN A 32 3.58 2.59 -6.16
CA GLN A 32 2.62 2.43 -7.24
C GLN A 32 3.34 2.21 -8.57
N ALA A 33 4.60 2.60 -8.63
CA ALA A 33 5.40 2.44 -9.84
C ALA A 33 5.97 1.03 -9.93
N THR A 34 5.43 0.12 -9.13
CA THR A 34 5.90 -1.27 -9.13
C THR A 34 4.79 -2.22 -9.59
N HIS A 35 3.56 -1.85 -9.31
CA HIS A 35 2.41 -2.66 -9.70
C HIS A 35 2.35 -2.84 -11.21
N SER A 36 2.50 -1.73 -11.93
CA SER A 36 2.46 -1.76 -13.39
C SER A 36 3.07 -3.06 -13.92
N GLY A 37 4.22 -3.43 -13.38
CA GLY A 37 4.89 -4.65 -13.81
C GLY A 37 4.50 -5.85 -12.97
N GLU A 38 3.92 -6.86 -13.61
CA GLU A 38 3.50 -8.07 -12.92
C GLU A 38 4.70 -8.75 -12.26
N LYS A 39 4.93 -8.40 -10.99
CA LYS A 39 6.03 -8.98 -10.23
C LYS A 39 5.53 -9.66 -8.96
N PRO A 40 4.98 -10.88 -9.10
CA PRO A 40 4.46 -11.65 -7.98
C PRO A 40 5.55 -12.15 -7.05
N SER A 41 6.80 -11.80 -7.37
CA SER A 41 7.94 -12.21 -6.57
C SER A 41 7.79 -11.74 -5.12
N GLY A 42 7.68 -12.70 -4.21
CA GLY A 42 7.53 -12.36 -2.80
C GLY A 42 7.03 -13.54 -1.98
N PRO A 43 7.96 -14.42 -1.56
CA PRO A 43 7.63 -15.59 -0.77
C PRO A 43 7.20 -15.23 0.65
N SER A 44 8.00 -14.39 1.30
CA SER A 44 7.70 -13.96 2.67
C SER A 44 8.47 -12.68 3.02
N SER A 45 8.22 -12.17 4.22
CA SER A 45 8.88 -10.95 4.67
C SER A 45 9.03 -10.94 6.19
N GLY A 46 10.02 -10.20 6.67
CA GLY A 46 10.24 -10.13 8.11
C GLY A 46 11.13 -8.95 8.50
ZN ZN B . 0.37 -1.93 -3.62
N GLY A 1 5.67 -14.91 13.41
CA GLY A 1 6.88 -15.69 13.22
C GLY A 1 8.14 -14.87 13.41
N SER A 2 8.97 -14.81 12.37
CA SER A 2 10.21 -14.06 12.43
C SER A 2 9.99 -12.60 12.08
N SER A 3 10.99 -11.77 12.30
CA SER A 3 10.90 -10.34 12.00
C SER A 3 9.82 -9.68 12.86
N GLY A 4 9.78 -10.05 14.14
CA GLY A 4 8.80 -9.49 15.04
C GLY A 4 8.67 -7.98 14.89
N SER A 5 7.55 -7.53 14.37
CA SER A 5 7.32 -6.09 14.17
C SER A 5 7.70 -5.31 15.42
N SER A 6 7.67 -3.98 15.31
CA SER A 6 8.02 -3.12 16.43
C SER A 6 6.86 -3.02 17.42
N GLY A 7 5.69 -2.66 16.91
CA GLY A 7 4.52 -2.54 17.76
C GLY A 7 3.22 -2.61 16.98
N THR A 8 2.55 -1.47 16.84
CA THR A 8 1.29 -1.40 16.12
C THR A 8 1.52 -1.23 14.62
N GLY A 9 2.48 -0.37 14.28
CA GLY A 9 2.79 -0.13 12.88
C GLY A 9 1.56 0.20 12.07
N GLU A 10 1.14 1.46 12.12
CA GLU A 10 -0.04 1.90 11.37
C GLU A 10 0.20 3.28 10.75
N LYS A 11 -0.11 3.39 9.46
CA LYS A 11 0.07 4.65 8.74
C LYS A 11 -1.26 5.14 8.16
N PRO A 12 -1.33 6.45 7.88
CA PRO A 12 -2.53 7.07 7.33
C PRO A 12 -2.80 6.64 5.89
N TYR A 13 -1.73 6.36 5.15
CA TYR A 13 -1.85 5.95 3.76
C TYR A 13 -1.53 4.46 3.61
N LYS A 14 -2.35 3.76 2.82
CA LYS A 14 -2.15 2.34 2.59
C LYS A 14 -2.39 1.99 1.13
N CYS A 15 -1.69 0.97 0.65
CA CYS A 15 -1.82 0.53 -0.74
C CYS A 15 -3.00 -0.42 -0.90
N ASN A 16 -4.10 0.10 -1.47
CA ASN A 16 -5.29 -0.70 -1.68
C ASN A 16 -4.99 -1.90 -2.58
N GLU A 17 -3.81 -1.90 -3.17
CA GLU A 17 -3.40 -2.98 -4.05
C GLU A 17 -2.86 -4.18 -3.26
N CYS A 18 -1.90 -3.90 -2.38
CA CYS A 18 -1.30 -4.94 -1.55
C CYS A 18 -1.72 -4.78 -0.09
N GLY A 19 -1.70 -3.54 0.39
CA GLY A 19 -2.07 -3.27 1.77
C GLY A 19 -0.95 -2.60 2.56
N LYS A 20 0.09 -2.19 1.86
CA LYS A 20 1.23 -1.54 2.50
C LYS A 20 0.79 -0.29 3.25
N ALA A 21 1.74 0.37 3.91
CA ALA A 21 1.44 1.58 4.66
C ALA A 21 2.58 2.60 4.53
N PHE A 22 2.25 3.78 4.03
CA PHE A 22 3.24 4.83 3.86
C PHE A 22 2.88 6.06 4.68
N ARG A 23 3.89 6.69 5.28
CA ARG A 23 3.67 7.88 6.10
C ARG A 23 3.01 8.98 5.28
N ALA A 24 3.41 9.10 4.02
CA ALA A 24 2.85 10.13 3.14
C ALA A 24 2.53 9.55 1.76
N ARG A 25 1.96 10.37 0.90
CA ARG A 25 1.60 9.94 -0.45
C ARG A 25 2.85 9.64 -1.27
N SER A 26 3.75 10.61 -1.34
CA SER A 26 4.99 10.45 -2.09
C SER A 26 5.58 9.06 -1.88
N SER A 27 5.61 8.63 -0.62
CA SER A 27 6.15 7.31 -0.27
C SER A 27 5.27 6.21 -0.82
N LEU A 28 3.97 6.47 -0.91
CA LEU A 28 3.02 5.49 -1.40
C LEU A 28 3.14 5.34 -2.92
N ALA A 29 3.22 6.47 -3.62
CA ALA A 29 3.34 6.46 -5.06
C ALA A 29 4.56 5.67 -5.52
N ILE A 30 5.74 6.12 -5.08
CA ILE A 30 6.99 5.46 -5.43
C ILE A 30 6.81 3.94 -5.48
N HIS A 31 5.97 3.42 -4.60
CA HIS A 31 5.71 1.99 -4.54
C HIS A 31 4.71 1.57 -5.63
N GLN A 32 3.64 2.34 -5.76
CA GLN A 32 2.61 2.05 -6.76
C GLN A 32 3.24 1.82 -8.14
N ALA A 33 4.46 2.32 -8.31
CA ALA A 33 5.17 2.17 -9.58
C ALA A 33 5.76 0.77 -9.71
N THR A 34 5.38 -0.12 -8.80
CA THR A 34 5.87 -1.49 -8.81
C THR A 34 4.77 -2.46 -9.24
N HIS A 35 3.53 -2.14 -8.90
CA HIS A 35 2.40 -2.97 -9.25
C HIS A 35 2.24 -3.08 -10.76
N SER A 36 3.10 -3.88 -11.39
CA SER A 36 3.06 -4.05 -12.83
C SER A 36 3.70 -5.38 -13.24
N GLY A 37 2.96 -6.18 -14.00
CA GLY A 37 3.48 -7.46 -14.44
C GLY A 37 2.48 -8.58 -14.23
N GLU A 38 1.88 -8.62 -13.04
CA GLU A 38 0.90 -9.65 -12.70
C GLU A 38 -0.47 -9.32 -13.28
N LYS A 39 -1.12 -10.31 -13.88
CA LYS A 39 -2.43 -10.12 -14.46
C LYS A 39 -3.49 -10.89 -13.68
N PRO A 40 -3.73 -10.46 -12.44
CA PRO A 40 -4.72 -11.09 -11.56
C PRO A 40 -6.15 -10.85 -12.02
N SER A 41 -7.11 -11.36 -11.27
CA SER A 41 -8.52 -11.20 -11.60
C SER A 41 -8.90 -9.72 -11.65
N GLY A 42 -9.29 -9.26 -12.83
CA GLY A 42 -9.68 -7.87 -12.99
C GLY A 42 -9.32 -7.32 -14.34
N PRO A 43 -10.19 -7.55 -15.34
CA PRO A 43 -9.99 -7.08 -16.70
C PRO A 43 -10.11 -5.56 -16.82
N SER A 44 -9.60 -5.02 -17.93
CA SER A 44 -9.65 -3.58 -18.16
C SER A 44 -10.04 -3.28 -19.61
N SER A 45 -11.18 -2.62 -19.78
CA SER A 45 -11.67 -2.27 -21.11
C SER A 45 -11.58 -3.47 -22.04
N GLY A 46 -11.97 -4.64 -21.54
CA GLY A 46 -11.93 -5.85 -22.35
C GLY A 46 -12.65 -5.68 -23.67
ZN ZN B . 1.16 -1.96 -3.30
#